data_7OH2
#
_entry.id   7OH2
#
_cell.length_a   71.164
_cell.length_b   100.401
_cell.length_c   104.653
_cell.angle_alpha   90.000
_cell.angle_beta   90.000
_cell.angle_gamma   90.000
#
_symmetry.space_group_name_H-M   'P 21 21 21'
#
loop_
_entity.id
_entity.type
_entity.pdbx_description
1 polymer 'Alkanesulfonate monooxygenase'
2 water water
#
_entity_poly.entity_id   1
_entity_poly.type   'polypeptide(L)'
_entity_poly.pdbx_seq_one_letter_code
;MTVVPITSPDLDAAEVSWFAALCSDDYAYLGVPDDALKSSFEHCSEIVTRAETLGFRNILCPSSYQVGQDTLSFVAACSQ
ITERINLLAAIRCGEMQPIMLARTVATLDHMLKGRLTLNVISSDFPGEVADSAFRYRRSHEVVQILRQAWTRDTIDHEGE
VYNFKGVTTEPARPYQQNGGPLLYFGGYSPDALELCGAQCDVYLMWPEPKEQIAERMKAVHARAEAHGRTLDYGLRVHMI
VRDTEKEARDYAEHLVSKLDDEYGRLIRSRAHDSTSLGVSHQARTRELADKFGYVERHLWTGIGRARSGCGAALVGSTDQ
VLSEIEAYKKMGVRAFIFSGYPHLDEAEHFGKKVLPQLKTCSLPHIYGRVPADTPATPLGAGRRHLEHHHHHH
;
_entity_poly.pdbx_strand_id   A,B
#
# COMPACT_ATOMS: atom_id res chain seq x y z
N MET A 1 -6.01 41.93 5.81
CA MET A 1 -4.62 41.41 5.73
C MET A 1 -4.52 40.08 6.49
N THR A 2 -3.85 39.10 5.91
CA THR A 2 -3.60 37.81 6.59
C THR A 2 -2.55 38.04 7.68
N VAL A 3 -2.44 37.13 8.64
CA VAL A 3 -1.49 37.26 9.78
C VAL A 3 -0.08 37.30 9.20
N VAL A 4 0.18 36.48 8.19
CA VAL A 4 1.47 36.38 7.48
C VAL A 4 1.15 36.30 5.99
N PRO A 5 2.15 36.59 5.12
CA PRO A 5 2.01 36.31 3.69
C PRO A 5 1.73 34.80 3.45
N ILE A 6 0.82 34.48 2.54
CA ILE A 6 0.42 33.10 2.22
C ILE A 6 0.72 32.82 0.74
N THR A 7 0.71 31.55 0.39
CA THR A 7 1.07 31.10 -0.96
C THR A 7 -0.11 31.40 -1.88
N SER A 8 -1.33 31.44 -1.37
CA SER A 8 -2.53 31.60 -2.22
C SER A 8 -3.31 32.86 -1.82
N PRO A 9 -2.70 34.08 -1.88
CA PRO A 9 -3.30 35.26 -1.27
C PRO A 9 -4.61 35.71 -1.92
N ASP A 10 -4.81 35.40 -3.19
CA ASP A 10 -6.02 35.83 -3.92
C ASP A 10 -7.10 34.76 -3.91
N LEU A 11 -6.85 33.62 -3.27
CA LEU A 11 -7.81 32.49 -3.26
C LEU A 11 -8.95 32.87 -2.32
N ASP A 12 -10.20 32.95 -2.77
CA ASP A 12 -11.28 33.28 -1.79
C ASP A 12 -12.06 31.99 -1.45
N ALA A 13 -11.55 30.83 -1.82
CA ALA A 13 -12.14 29.51 -1.50
C ALA A 13 -11.28 28.83 -0.43
N ALA A 14 -11.72 27.70 0.08
CA ALA A 14 -10.88 26.88 0.97
C ALA A 14 -11.01 25.42 0.57
N GLU A 15 -9.97 24.65 0.81
CA GLU A 15 -10.06 23.18 0.65
C GLU A 15 -10.66 22.62 1.93
N VAL A 16 -11.93 22.26 1.88
CA VAL A 16 -12.67 21.83 3.09
C VAL A 16 -12.76 20.31 3.04
N SER A 17 -12.27 19.68 4.10
CA SER A 17 -11.91 18.25 4.15
C SER A 17 -12.55 17.56 5.35
N TRP A 18 -12.68 16.24 5.23
CA TRP A 18 -13.09 15.36 6.35
C TRP A 18 -11.91 14.49 6.73
N PHE A 19 -12.19 13.44 7.48
CA PHE A 19 -11.18 12.59 8.17
C PHE A 19 -11.67 11.14 8.08
N ALA A 20 -10.82 10.20 7.65
CA ALA A 20 -11.25 8.83 7.31
C ALA A 20 -11.21 7.87 8.51
N ALA A 21 -10.68 8.29 9.66
CA ALA A 21 -10.75 7.53 10.93
C ALA A 21 -10.20 6.11 10.71
N LEU A 22 -8.99 6.03 10.16
CA LEU A 22 -8.35 4.72 9.83
C LEU A 22 -7.76 4.06 11.07
N CYS A 23 -7.71 4.73 12.23
CA CYS A 23 -6.92 4.27 13.39
C CYS A 23 -7.80 4.12 14.62
N SER A 24 -8.94 3.47 14.51
CA SER A 24 -9.88 3.23 15.63
C SER A 24 -10.34 4.58 16.22
N ASP A 25 -10.58 5.57 15.36
CA ASP A 25 -10.92 6.96 15.76
C ASP A 25 -12.43 7.11 15.96
N ASP A 26 -13.28 6.20 15.46
CA ASP A 26 -14.72 6.47 15.36
C ASP A 26 -15.43 5.98 16.64
N TYR A 27 -16.32 6.81 17.15
CA TYR A 27 -17.12 6.62 18.39
C TYR A 27 -18.48 7.29 18.22
N ALA A 28 -19.48 6.78 18.93
CA ALA A 28 -20.78 7.47 19.16
C ALA A 28 -20.68 8.19 20.51
N TYR A 29 -20.13 7.54 21.51
CA TYR A 29 -19.79 8.15 22.82
C TYR A 29 -18.29 8.01 22.98
N LEU A 30 -17.60 9.09 23.33
CA LEU A 30 -16.15 9.05 23.57
C LEU A 30 -15.90 8.09 24.73
N GLY A 31 -14.86 7.27 24.57
CA GLY A 31 -14.44 6.26 25.55
C GLY A 31 -15.30 5.00 25.49
N VAL A 32 -16.24 4.88 24.55
CA VAL A 32 -17.11 3.69 24.45
C VAL A 32 -16.85 2.98 23.13
N PRO A 33 -16.16 1.82 23.16
CA PRO A 33 -15.87 1.05 21.96
C PRO A 33 -17.20 0.59 21.33
N ASP A 34 -17.33 0.82 20.04
CA ASP A 34 -18.53 0.43 19.27
C ASP A 34 -18.06 -0.38 18.06
N ASP A 35 -18.43 -1.66 18.03
CA ASP A 35 -18.04 -2.63 16.97
C ASP A 35 -18.48 -2.09 15.60
N ALA A 36 -19.65 -1.46 15.51
CA ALA A 36 -20.21 -0.97 14.23
C ALA A 36 -19.39 0.21 13.70
N LEU A 37 -18.53 0.85 14.50
CA LEU A 37 -17.74 2.03 14.09
C LEU A 37 -16.25 1.69 14.00
N LYS A 38 -15.87 0.41 14.06
CA LYS A 38 -14.45 -0.01 13.91
C LYS A 38 -13.89 0.46 12.55
N SER A 39 -12.58 0.65 12.50
CA SER A 39 -11.84 1.09 11.29
C SER A 39 -11.65 -0.07 10.31
N SER A 40 -12.73 -0.75 9.94
CA SER A 40 -12.74 -1.76 8.87
C SER A 40 -12.69 -1.04 7.52
N PHE A 41 -12.28 -1.74 6.46
CA PHE A 41 -12.25 -1.15 5.11
C PHE A 41 -13.66 -0.71 4.73
N GLU A 42 -14.67 -1.51 5.03
CA GLU A 42 -16.08 -1.18 4.67
C GLU A 42 -16.46 0.15 5.31
N HIS A 43 -16.18 0.31 6.60
CA HIS A 43 -16.61 1.53 7.35
C HIS A 43 -15.80 2.74 6.88
N CYS A 44 -14.47 2.63 6.84
CA CYS A 44 -13.60 3.79 6.50
C CYS A 44 -13.84 4.18 5.04
N SER A 45 -14.00 3.23 4.12
CA SER A 45 -14.24 3.56 2.70
C SER A 45 -15.60 4.26 2.58
N GLU A 46 -16.56 3.89 3.41
CA GLU A 46 -17.86 4.58 3.40
C GLU A 46 -17.68 6.04 3.85
N ILE A 47 -16.83 6.30 4.84
CA ILE A 47 -16.59 7.73 5.24
C ILE A 47 -16.08 8.48 4.00
N VAL A 48 -15.16 7.87 3.23
CA VAL A 48 -14.50 8.52 2.08
C VAL A 48 -15.55 8.75 0.99
N THR A 49 -16.35 7.74 0.63
CA THR A 49 -17.29 7.86 -0.51
C THR A 49 -18.43 8.82 -0.11
N ARG A 50 -18.87 8.78 1.13
CA ARG A 50 -19.90 9.73 1.64
C ARG A 50 -19.35 11.16 1.63
N ALA A 51 -18.13 11.37 2.14
CA ALA A 51 -17.45 12.68 2.12
C ALA A 51 -17.39 13.17 0.67
N GLU A 52 -17.09 12.29 -0.28
CA GLU A 52 -16.96 12.71 -1.69
C GLU A 52 -18.33 13.18 -2.22
N THR A 53 -19.36 12.37 -2.04
CA THR A 53 -20.75 12.69 -2.47
C THR A 53 -21.21 14.01 -1.85
N LEU A 54 -20.89 14.25 -0.58
CA LEU A 54 -21.34 15.46 0.14
C LEU A 54 -20.67 16.68 -0.50
N GLY A 55 -19.47 16.50 -1.07
CA GLY A 55 -18.72 17.57 -1.74
C GLY A 55 -17.50 18.00 -0.97
N PHE A 56 -17.03 17.25 0.03
CA PHE A 56 -15.71 17.52 0.65
C PHE A 56 -14.62 17.39 -0.40
N ARG A 57 -13.55 18.14 -0.28
CA ARG A 57 -12.54 18.32 -1.34
C ARG A 57 -11.28 17.51 -1.05
N ASN A 58 -11.09 17.10 0.19
CA ASN A 58 -9.92 16.26 0.55
C ASN A 58 -10.32 15.48 1.81
N ILE A 59 -9.53 14.50 2.21
CA ILE A 59 -9.86 13.69 3.41
C ILE A 59 -8.54 13.17 3.97
N LEU A 60 -8.31 13.49 5.23
CA LEU A 60 -7.08 13.09 5.93
C LEU A 60 -7.21 11.60 6.28
N CYS A 61 -6.22 10.84 5.87
CA CYS A 61 -6.10 9.38 6.13
C CYS A 61 -4.91 9.18 7.06
N PRO A 62 -5.14 9.08 8.39
CA PRO A 62 -4.05 9.05 9.38
C PRO A 62 -3.29 7.71 9.32
N SER A 63 -2.09 7.73 9.86
CA SER A 63 -1.21 6.53 9.88
C SER A 63 -0.72 6.31 11.29
N SER A 64 -1.09 5.21 11.91
CA SER A 64 -0.52 4.83 13.22
C SER A 64 -0.76 3.34 13.47
N TYR A 65 0.02 2.77 14.37
CA TYR A 65 -0.09 1.32 14.72
C TYR A 65 -1.24 1.14 15.69
N GLN A 66 -2.45 1.22 15.15
CA GLN A 66 -3.73 0.98 15.85
C GLN A 66 -4.58 0.11 14.93
N VAL A 67 -5.52 -0.64 15.48
CA VAL A 67 -6.49 -1.42 14.66
C VAL A 67 -7.10 -0.48 13.61
N GLY A 68 -6.89 -0.82 12.35
CA GLY A 68 -7.51 -0.13 11.22
C GLY A 68 -6.74 -0.37 9.96
N GLN A 69 -6.79 0.59 9.06
CA GLN A 69 -6.32 0.43 7.66
C GLN A 69 -4.95 1.07 7.50
N ASP A 70 -4.01 0.28 7.03
CA ASP A 70 -2.73 0.80 6.51
C ASP A 70 -3.05 1.93 5.51
N THR A 71 -2.46 3.11 5.72
CA THR A 71 -2.82 4.34 4.97
C THR A 71 -2.67 4.15 3.46
N LEU A 72 -1.50 3.74 2.99
CA LEU A 72 -1.25 3.76 1.53
C LEU A 72 -2.04 2.62 0.88
N SER A 73 -2.21 1.49 1.56
CA SER A 73 -3.12 0.40 1.09
C SER A 73 -4.55 0.95 0.95
N PHE A 74 -5.00 1.66 1.97
CA PHE A 74 -6.35 2.25 1.98
C PHE A 74 -6.54 3.20 0.80
N VAL A 75 -5.59 4.10 0.60
CA VAL A 75 -5.62 5.07 -0.52
C VAL A 75 -5.69 4.34 -1.87
N ALA A 76 -4.87 3.30 -2.07
CA ALA A 76 -4.89 2.50 -3.31
C ALA A 76 -6.30 1.92 -3.53
N ALA A 77 -6.86 1.26 -2.51
CA ALA A 77 -8.20 0.65 -2.62
C ALA A 77 -9.22 1.75 -2.91
N CYS A 78 -9.15 2.88 -2.22
CA CYS A 78 -10.12 3.99 -2.43
C CYS A 78 -10.00 4.59 -3.85
N SER A 79 -8.83 4.49 -4.50
CA SER A 79 -8.64 5.04 -5.86
C SER A 79 -9.73 4.46 -6.78
N GLN A 80 -10.16 3.23 -6.51
CA GLN A 80 -11.05 2.49 -7.43
C GLN A 80 -12.52 2.81 -7.13
N ILE A 81 -12.85 3.56 -6.07
CA ILE A 81 -14.27 3.87 -5.70
C ILE A 81 -14.45 5.38 -5.48
N THR A 82 -13.50 6.21 -5.93
CA THR A 82 -13.58 7.68 -5.89
C THR A 82 -13.21 8.24 -7.27
N GLU A 83 -13.57 9.50 -7.54
CA GLU A 83 -13.23 10.14 -8.83
C GLU A 83 -12.96 11.62 -8.63
N ARG A 84 -13.38 12.25 -7.52
CA ARG A 84 -13.24 13.73 -7.43
C ARG A 84 -12.61 14.16 -6.11
N ILE A 85 -12.78 13.42 -5.03
CA ILE A 85 -12.18 13.86 -3.74
C ILE A 85 -10.66 13.66 -3.80
N ASN A 86 -9.92 14.59 -3.25
CA ASN A 86 -8.48 14.37 -2.98
C ASN A 86 -8.36 13.46 -1.76
N LEU A 87 -7.25 12.74 -1.63
CA LEU A 87 -6.93 12.01 -0.42
C LEU A 87 -5.62 12.56 0.13
N LEU A 88 -5.57 12.70 1.44
CA LEU A 88 -4.39 13.24 2.16
C LEU A 88 -3.83 12.05 2.96
N ALA A 89 -2.74 11.49 2.47
CA ALA A 89 -2.20 10.24 2.98
C ALA A 89 -1.08 10.57 3.95
N ALA A 90 -1.23 10.18 5.21
CA ALA A 90 -0.14 10.27 6.19
C ALA A 90 0.93 9.25 5.82
N ILE A 91 2.16 9.72 5.73
CA ILE A 91 3.36 8.89 5.46
C ILE A 91 4.41 9.26 6.49
N ARG A 92 4.99 8.25 7.11
CA ARG A 92 5.98 8.43 8.20
C ARG A 92 7.35 8.24 7.59
N CYS A 93 8.18 9.27 7.64
CA CYS A 93 9.52 9.28 7.03
C CYS A 93 10.32 8.09 7.53
N GLY A 94 10.88 7.31 6.61
CA GLY A 94 11.77 6.19 6.91
C GLY A 94 11.04 4.86 7.04
N GLU A 95 9.73 4.87 7.23
CA GLU A 95 8.96 3.64 7.48
C GLU A 95 9.01 2.73 6.24
N MET A 96 9.10 3.32 5.05
CA MET A 96 9.35 2.58 3.79
C MET A 96 10.64 3.14 3.18
N GLN A 97 11.45 2.27 2.57
CA GLN A 97 12.66 2.65 1.83
C GLN A 97 12.25 3.76 0.87
N PRO A 98 12.94 4.91 0.89
CA PRO A 98 12.38 6.11 0.26
C PRO A 98 12.24 6.07 -1.27
N ILE A 99 13.09 5.29 -1.95
CA ILE A 99 12.98 5.11 -3.42
C ILE A 99 11.68 4.34 -3.69
N MET A 100 11.42 3.28 -2.91
CA MET A 100 10.17 2.52 -3.11
C MET A 100 8.99 3.37 -2.61
N LEU A 101 9.18 4.27 -1.64
CA LEU A 101 8.10 5.24 -1.29
C LEU A 101 7.79 6.10 -2.52
N ALA A 102 8.82 6.58 -3.20
CA ALA A 102 8.63 7.40 -4.42
C ALA A 102 7.85 6.60 -5.45
N ARG A 103 8.20 5.32 -5.65
CA ARG A 103 7.51 4.47 -6.65
C ARG A 103 6.06 4.25 -6.21
N THR A 104 5.84 4.08 -4.92
CA THR A 104 4.47 3.92 -4.36
C THR A 104 3.68 5.20 -4.60
N VAL A 105 4.27 6.33 -4.31
CA VAL A 105 3.61 7.65 -4.57
C VAL A 105 3.26 7.76 -6.07
N ALA A 106 4.14 7.36 -6.97
CA ALA A 106 3.89 7.49 -8.42
C ALA A 106 2.74 6.55 -8.81
N THR A 107 2.71 5.35 -8.24
CA THR A 107 1.64 4.35 -8.47
C THR A 107 0.30 4.96 -8.04
N LEU A 108 0.22 5.39 -6.79
CA LEU A 108 -1.03 5.95 -6.22
C LEU A 108 -1.45 7.18 -7.02
N ASP A 109 -0.48 8.06 -7.37
CA ASP A 109 -0.80 9.34 -8.05
C ASP A 109 -1.44 9.03 -9.41
N HIS A 110 -0.99 8.00 -10.11
CA HIS A 110 -1.57 7.62 -11.42
C HIS A 110 -2.92 6.90 -11.20
N MET A 111 -3.05 6.09 -10.14
CA MET A 111 -4.35 5.45 -9.83
C MET A 111 -5.39 6.54 -9.54
N LEU A 112 -4.97 7.66 -8.93
CA LEU A 112 -5.89 8.74 -8.49
C LEU A 112 -6.01 9.86 -9.53
N LYS A 113 -5.25 9.80 -10.64
CA LYS A 113 -5.13 10.92 -11.62
C LYS A 113 -4.87 12.23 -10.88
N GLY A 114 -3.91 12.23 -9.95
CA GLY A 114 -3.43 13.47 -9.32
C GLY A 114 -4.24 13.88 -8.10
N ARG A 115 -5.15 13.05 -7.58
CA ARG A 115 -5.97 13.37 -6.37
C ARG A 115 -5.23 12.94 -5.08
N LEU A 116 -3.92 13.09 -5.06
CA LEU A 116 -3.07 12.67 -3.92
C LEU A 116 -2.39 13.90 -3.30
N THR A 117 -2.49 13.99 -2.00
CA THR A 117 -1.74 14.96 -1.18
C THR A 117 -1.08 14.10 -0.10
N LEU A 118 0.04 14.54 0.42
CA LEU A 118 0.81 13.75 1.41
C LEU A 118 0.96 14.51 2.73
N ASN A 119 0.66 13.84 3.83
CA ASN A 119 0.81 14.37 5.20
C ASN A 119 2.09 13.74 5.76
N VAL A 120 3.20 14.47 5.70
CA VAL A 120 4.52 13.96 6.11
C VAL A 120 4.63 14.00 7.64
N ILE A 121 4.83 12.84 8.26
CA ILE A 121 4.96 12.76 9.73
C ILE A 121 6.31 12.17 10.08
N SER A 122 6.78 12.48 11.28
CA SER A 122 8.20 12.30 11.66
C SER A 122 8.31 11.51 12.97
N SER A 123 7.21 10.87 13.38
CA SER A 123 7.13 10.12 14.67
C SER A 123 7.84 8.76 14.54
N ASP A 124 8.00 8.10 15.69
CA ASP A 124 8.66 6.78 15.80
C ASP A 124 7.93 5.74 14.97
N PHE A 125 8.69 4.76 14.47
CA PHE A 125 8.12 3.49 13.97
C PHE A 125 7.52 2.74 15.15
N PRO A 126 6.53 1.85 14.91
CA PRO A 126 5.94 1.06 16.01
C PRO A 126 7.00 0.15 16.62
N GLY A 127 7.05 0.15 17.94
CA GLY A 127 7.94 -0.73 18.69
C GLY A 127 9.35 -0.19 18.73
N GLU A 128 9.57 1.06 18.27
CA GLU A 128 10.94 1.63 18.17
C GLU A 128 10.95 3.01 18.80
N VAL A 129 12.14 3.43 19.23
CA VAL A 129 12.37 4.78 19.79
C VAL A 129 13.64 5.34 19.17
N ALA A 130 13.53 6.47 18.51
CA ALA A 130 14.67 7.23 17.96
C ALA A 130 14.54 8.65 18.44
N ASP A 131 15.65 9.30 18.76
CA ASP A 131 15.58 10.69 19.28
C ASP A 131 14.96 11.61 18.20
N SER A 132 14.22 12.59 18.68
CA SER A 132 13.49 13.59 17.88
C SER A 132 14.43 14.24 16.86
N ALA A 133 15.59 14.71 17.29
CA ALA A 133 16.57 15.40 16.41
C ALA A 133 16.86 14.51 15.19
N PHE A 134 17.12 13.24 15.41
CA PHE A 134 17.47 12.26 14.35
C PHE A 134 16.25 12.06 13.43
N ARG A 135 15.07 11.94 14.01
CA ARG A 135 13.83 11.72 13.19
C ARG A 135 13.57 12.93 12.29
N TYR A 136 13.84 14.16 12.75
CA TYR A 136 13.64 15.37 11.90
C TYR A 136 14.73 15.41 10.82
N ARG A 137 15.98 15.06 11.13
CA ARG A 137 17.04 15.02 10.09
C ARG A 137 16.68 14.00 9.01
N ARG A 138 16.18 12.85 9.41
CA ARG A 138 15.77 11.78 8.47
C ARG A 138 14.59 12.27 7.62
N SER A 139 13.64 13.01 8.21
CA SER A 139 12.45 13.54 7.49
C SER A 139 12.91 14.49 6.36
N HIS A 140 13.89 15.37 6.62
CA HIS A 140 14.49 16.25 5.59
C HIS A 140 15.01 15.39 4.43
N GLU A 141 15.75 14.32 4.71
CA GLU A 141 16.34 13.48 3.65
C GLU A 141 15.19 12.85 2.85
N VAL A 142 14.18 12.32 3.51
CA VAL A 142 13.10 11.59 2.79
C VAL A 142 12.39 12.57 1.85
N VAL A 143 12.06 13.75 2.35
CA VAL A 143 11.32 14.77 1.54
C VAL A 143 12.21 15.22 0.39
N GLN A 144 13.49 15.44 0.63
CA GLN A 144 14.47 15.83 -0.41
C GLN A 144 14.46 14.77 -1.51
N ILE A 145 14.45 13.49 -1.14
CA ILE A 145 14.49 12.36 -2.10
C ILE A 145 13.20 12.37 -2.90
N LEU A 146 12.05 12.55 -2.25
CA LEU A 146 10.73 12.58 -2.95
C LEU A 146 10.73 13.72 -3.96
N ARG A 147 11.18 14.90 -3.57
CA ARG A 147 11.16 16.10 -4.44
C ARG A 147 12.13 15.88 -5.62
N GLN A 148 13.25 15.18 -5.44
CA GLN A 148 14.13 14.80 -6.58
C GLN A 148 13.37 13.87 -7.52
N ALA A 149 12.64 12.89 -7.00
CA ALA A 149 11.87 11.95 -7.83
C ALA A 149 10.90 12.74 -8.71
N TRP A 150 10.32 13.80 -8.15
CA TRP A 150 9.21 14.56 -8.76
C TRP A 150 9.73 15.56 -9.79
N THR A 151 11.02 15.93 -9.73
CA THR A 151 11.54 17.09 -10.50
C THR A 151 12.77 16.73 -11.35
N ARG A 152 13.45 15.60 -11.09
CA ARG A 152 14.76 15.34 -11.74
C ARG A 152 14.71 14.03 -12.52
N ASP A 153 15.76 13.78 -13.31
CA ASP A 153 15.91 12.54 -14.13
C ASP A 153 16.51 11.46 -13.27
N THR A 154 17.31 11.83 -12.28
CA THR A 154 18.00 10.87 -11.40
C THR A 154 18.01 11.43 -9.99
N ILE A 155 18.05 10.53 -9.01
CA ILE A 155 18.21 10.87 -7.56
C ILE A 155 19.70 10.83 -7.27
N ASP A 156 20.22 11.93 -6.77
CA ASP A 156 21.62 12.09 -6.31
C ASP A 156 21.53 12.74 -4.94
N HIS A 157 21.72 11.95 -3.89
CA HIS A 157 21.43 12.37 -2.50
C HIS A 157 22.50 11.71 -1.62
N GLU A 158 23.37 12.51 -1.02
CA GLU A 158 24.41 12.02 -0.07
C GLU A 158 24.05 12.55 1.31
N GLY A 159 23.52 11.71 2.20
CA GLY A 159 23.08 12.16 3.52
C GLY A 159 23.53 11.24 4.60
N GLU A 160 23.04 11.49 5.80
CA GLU A 160 23.37 10.71 7.02
C GLU A 160 22.74 9.31 6.92
N VAL A 161 21.47 9.23 6.55
CA VAL A 161 20.74 7.92 6.59
C VAL A 161 20.80 7.29 5.21
N TYR A 162 20.64 8.07 4.15
CA TYR A 162 20.49 7.54 2.79
C TYR A 162 21.58 8.11 1.89
N ASN A 163 22.04 7.26 0.99
CA ASN A 163 23.05 7.66 -0.02
C ASN A 163 22.66 7.04 -1.34
N PHE A 164 22.14 7.81 -2.30
CA PHE A 164 21.74 7.30 -3.62
C PHE A 164 22.54 8.06 -4.67
N LYS A 165 23.04 7.36 -5.67
CA LYS A 165 23.84 7.98 -6.76
C LYS A 165 23.26 7.49 -8.08
N GLY A 166 22.83 8.43 -8.92
CA GLY A 166 22.46 8.13 -10.31
C GLY A 166 21.27 7.18 -10.38
N VAL A 167 20.38 7.19 -9.39
CA VAL A 167 19.18 6.29 -9.47
C VAL A 167 18.14 6.93 -10.39
N THR A 168 17.73 6.23 -11.46
CA THR A 168 16.72 6.76 -12.40
C THR A 168 15.45 7.08 -11.59
N THR A 169 14.77 8.17 -11.93
CA THR A 169 13.45 8.53 -11.37
C THR A 169 12.32 7.95 -12.23
N GLU A 170 12.63 7.29 -13.34
CA GLU A 170 11.59 6.85 -14.30
C GLU A 170 10.51 6.05 -13.57
N PRO A 171 10.83 5.08 -12.67
CA PRO A 171 9.81 4.34 -11.96
C PRO A 171 9.07 5.11 -10.85
N ALA A 172 9.45 6.37 -10.60
CA ALA A 172 8.90 7.21 -9.51
C ALA A 172 8.36 8.54 -10.04
N ARG A 173 8.05 8.66 -11.33
CA ARG A 173 7.51 9.92 -11.90
C ARG A 173 6.04 10.03 -11.56
N PRO A 174 5.64 11.07 -10.82
CA PRO A 174 4.24 11.18 -10.42
C PRO A 174 3.39 11.70 -11.58
N TYR A 175 2.10 11.65 -11.36
CA TYR A 175 1.08 12.16 -12.31
C TYR A 175 1.10 13.69 -12.26
N GLN A 176 1.18 14.21 -11.04
CA GLN A 176 1.21 15.67 -10.81
C GLN A 176 2.53 16.24 -11.32
N GLN A 177 2.46 17.45 -11.87
CA GLN A 177 3.59 18.14 -12.51
C GLN A 177 3.93 19.38 -11.67
N ASN A 178 4.84 20.20 -12.18
CA ASN A 178 5.18 21.53 -11.62
CA ASN A 178 5.12 21.54 -11.61
C ASN A 178 5.55 21.39 -10.14
N GLY A 179 6.27 20.31 -9.80
CA GLY A 179 6.83 20.09 -8.46
C GLY A 179 6.28 18.81 -7.83
N GLY A 180 5.15 18.31 -8.32
CA GLY A 180 4.57 17.04 -7.85
C GLY A 180 3.49 17.25 -6.79
N PRO A 181 3.12 16.19 -6.03
CA PRO A 181 2.08 16.31 -5.00
C PRO A 181 2.40 17.34 -3.93
N LEU A 182 1.34 17.92 -3.36
CA LEU A 182 1.47 18.89 -2.24
C LEU A 182 1.68 18.14 -0.92
N LEU A 183 2.52 18.73 -0.06
CA LEU A 183 2.80 18.22 1.30
C LEU A 183 2.10 19.11 2.32
N TYR A 184 1.28 18.50 3.16
CA TYR A 184 0.52 19.16 4.23
C TYR A 184 1.02 18.59 5.54
N PHE A 185 1.67 19.38 6.39
CA PHE A 185 2.04 18.87 7.73
C PHE A 185 2.32 20.01 8.69
N GLY A 186 2.46 19.67 9.97
CA GLY A 186 2.64 20.68 11.02
C GLY A 186 3.72 20.30 12.00
N GLY A 187 3.51 20.70 13.25
CA GLY A 187 4.50 20.52 14.33
C GLY A 187 4.93 21.85 14.85
N TYR A 188 5.38 21.89 16.09
CA TYR A 188 5.55 23.14 16.86
C TYR A 188 6.99 23.24 17.35
N SER A 189 7.72 22.13 17.46
CA SER A 189 9.14 22.15 17.90
C SER A 189 9.99 22.93 16.93
N PRO A 190 11.14 23.47 17.37
CA PRO A 190 12.10 24.08 16.46
C PRO A 190 12.39 23.25 15.21
N ASP A 191 12.64 21.96 15.39
CA ASP A 191 13.01 21.09 14.25
C ASP A 191 11.79 20.94 13.32
N ALA A 192 10.58 20.81 13.83
CA ALA A 192 9.36 20.72 13.00
C ALA A 192 9.15 22.03 12.24
N LEU A 193 9.36 23.19 12.89
CA LEU A 193 9.17 24.49 12.24
C LEU A 193 10.14 24.60 11.08
N GLU A 194 11.37 24.12 11.25
CA GLU A 194 12.41 24.22 10.22
C GLU A 194 12.02 23.29 9.06
N LEU A 195 11.56 22.07 9.37
CA LEU A 195 11.11 21.14 8.30
C LEU A 195 9.92 21.77 7.57
N CYS A 196 8.95 22.34 8.29
CA CYS A 196 7.75 22.94 7.67
C CYS A 196 8.18 24.14 6.79
N GLY A 197 9.02 25.04 7.33
CA GLY A 197 9.44 26.23 6.59
C GLY A 197 10.18 25.87 5.32
N ALA A 198 11.02 24.85 5.36
CA ALA A 198 11.86 24.40 4.25
C ALA A 198 11.02 23.61 3.23
N GLN A 199 10.05 22.81 3.66
CA GLN A 199 9.51 21.72 2.81
C GLN A 199 7.98 21.60 2.81
N CYS A 200 7.22 22.14 3.74
CA CYS A 200 5.75 21.95 3.65
C CYS A 200 5.18 22.92 2.61
N ASP A 201 4.07 22.54 2.01
CA ASP A 201 3.24 23.43 1.18
C ASP A 201 2.14 23.99 2.07
N VAL A 202 1.43 23.14 2.81
CA VAL A 202 0.35 23.56 3.73
C VAL A 202 0.81 23.22 5.15
N TYR A 203 0.85 24.23 6.01
CA TYR A 203 1.20 24.10 7.44
C TYR A 203 -0.09 23.80 8.20
N LEU A 204 -0.17 22.60 8.78
CA LEU A 204 -1.37 22.13 9.50
C LEU A 204 -1.25 22.51 10.97
N MET A 205 -2.27 23.20 11.46
CA MET A 205 -2.34 23.65 12.87
C MET A 205 -3.48 22.93 13.56
N TRP A 206 -3.17 22.41 14.73
CA TRP A 206 -4.15 21.81 15.66
C TRP A 206 -4.82 22.96 16.41
N PRO A 207 -6.00 22.72 16.99
CA PRO A 207 -6.87 23.83 17.39
C PRO A 207 -6.41 24.53 18.68
N GLU A 208 -6.39 25.85 18.62
CA GLU A 208 -6.00 26.75 19.72
C GLU A 208 -6.83 28.02 19.59
N PRO A 209 -6.91 28.88 20.63
CA PRO A 209 -7.54 30.18 20.46
C PRO A 209 -6.88 30.94 19.30
N LYS A 210 -7.61 31.86 18.66
CA LYS A 210 -7.17 32.55 17.43
C LYS A 210 -5.87 33.31 17.66
N GLU A 211 -5.68 33.93 18.84
CA GLU A 211 -4.45 34.72 19.12
C GLU A 211 -3.24 33.79 19.07
N GLN A 212 -3.38 32.54 19.52
CA GLN A 212 -2.29 31.55 19.57
C GLN A 212 -2.07 31.03 18.14
N ILE A 213 -3.15 30.80 17.41
CA ILE A 213 -3.01 30.39 15.99
C ILE A 213 -2.17 31.44 15.24
N ALA A 214 -2.46 32.73 15.43
CA ALA A 214 -1.70 33.83 14.79
C ALA A 214 -0.22 33.68 15.15
N GLU A 215 0.12 33.41 16.41
CA GLU A 215 1.54 33.21 16.82
C GLU A 215 2.12 31.97 16.13
N ARG A 216 1.34 30.89 16.00
CA ARG A 216 1.84 29.70 15.25
C ARG A 216 2.22 30.10 13.82
N MET A 217 1.39 30.89 13.16
CA MET A 217 1.56 31.28 11.76
C MET A 217 2.83 32.13 11.66
N LYS A 218 3.02 33.10 12.56
CA LYS A 218 4.23 33.95 12.52
C LYS A 218 5.45 33.08 12.73
N ALA A 219 5.39 32.14 13.67
CA ALA A 219 6.58 31.36 14.08
C ALA A 219 7.03 30.50 12.90
N VAL A 220 6.11 29.82 12.20
CA VAL A 220 6.53 28.96 11.06
C VAL A 220 6.90 29.85 9.87
N HIS A 221 6.15 30.93 9.63
CA HIS A 221 6.45 31.86 8.51
C HIS A 221 7.89 32.36 8.64
N ALA A 222 8.38 32.65 9.84
CA ALA A 222 9.78 33.10 10.03
C ALA A 222 10.74 32.08 9.41
N ARG A 223 10.46 30.77 9.55
CA ARG A 223 11.32 29.71 8.93
C ARG A 223 11.11 29.62 7.42
N ALA A 224 9.88 29.75 6.94
CA ALA A 224 9.58 29.75 5.49
C ALA A 224 10.33 30.93 4.84
N GLU A 225 10.25 32.10 5.47
CA GLU A 225 10.88 33.33 4.91
C GLU A 225 12.40 33.13 4.82
N ALA A 226 13.01 32.45 5.78
CA ALA A 226 14.46 32.15 5.80
C ALA A 226 14.84 31.29 4.58
N HIS A 227 13.90 30.54 3.98
CA HIS A 227 14.12 29.68 2.80
C HIS A 227 13.60 30.37 1.54
N GLY A 228 13.22 31.64 1.64
CA GLY A 228 12.63 32.41 0.51
C GLY A 228 11.29 31.83 0.07
N ARG A 229 10.51 31.27 0.98
CA ARG A 229 9.24 30.54 0.64
C ARG A 229 8.08 31.22 1.37
N THR A 230 6.87 30.98 0.88
CA THR A 230 5.63 31.21 1.66
C THR A 230 4.91 29.87 1.83
N LEU A 231 4.05 29.79 2.82
CA LEU A 231 3.21 28.59 3.02
C LEU A 231 1.75 28.96 2.82
N ASP A 232 0.91 27.94 2.65
CA ASP A 232 -0.53 28.06 2.93
C ASP A 232 -0.74 27.39 4.29
N TYR A 233 -1.93 27.56 4.87
CA TYR A 233 -2.22 27.23 6.29
C TYR A 233 -3.51 26.42 6.37
N GLY A 234 -3.47 25.36 7.15
CA GLY A 234 -4.66 24.51 7.40
C GLY A 234 -4.96 24.46 8.88
N LEU A 235 -6.23 24.32 9.21
CA LEU A 235 -6.68 24.09 10.59
C LEU A 235 -7.29 22.70 10.65
N ARG A 236 -6.78 21.90 11.60
CA ARG A 236 -7.34 20.58 11.94
C ARG A 236 -8.19 20.80 13.19
N VAL A 237 -9.48 20.46 13.13
CA VAL A 237 -10.37 20.67 14.30
C VAL A 237 -11.58 19.73 14.15
N HIS A 238 -12.08 19.22 15.28
CA HIS A 238 -13.38 18.51 15.32
C HIS A 238 -14.52 19.50 15.09
N MET A 239 -15.73 18.98 14.88
CA MET A 239 -16.89 19.76 14.42
C MET A 239 -18.13 19.24 15.14
N ILE A 240 -18.90 20.15 15.73
CA ILE A 240 -20.30 19.87 16.10
C ILE A 240 -21.13 21.06 15.61
N VAL A 241 -21.86 20.87 14.51
CA VAL A 241 -22.66 21.97 13.92
C VAL A 241 -24.13 21.53 13.88
N ARG A 242 -25.01 22.37 14.41
CA ARG A 242 -26.47 22.09 14.50
C ARG A 242 -27.24 23.37 14.13
N ASP A 243 -28.52 23.23 13.83
CA ASP A 243 -29.39 24.40 13.51
C ASP A 243 -29.27 25.48 14.59
N THR A 244 -29.20 25.10 15.86
CA THR A 244 -29.11 26.03 17.00
C THR A 244 -27.86 25.73 17.80
N GLU A 245 -27.31 26.75 18.44
CA GLU A 245 -26.15 26.60 19.36
C GLU A 245 -26.52 25.62 20.47
N LYS A 246 -27.74 25.68 20.98
CA LYS A 246 -28.12 24.84 22.14
C LYS A 246 -27.94 23.36 21.74
N GLU A 247 -28.49 22.96 20.60
CA GLU A 247 -28.42 21.55 20.12
C GLU A 247 -26.96 21.12 20.02
N ALA A 248 -26.09 22.00 19.52
CA ALA A 248 -24.66 21.71 19.36
C ALA A 248 -24.02 21.52 20.74
N ARG A 249 -24.25 22.46 21.66
CA ARG A 249 -23.62 22.40 23.00
C ARG A 249 -24.14 21.20 23.74
N ASP A 250 -25.43 20.86 23.57
CA ASP A 250 -26.03 19.65 24.19
C ASP A 250 -25.37 18.40 23.61
N TYR A 251 -25.08 18.40 22.32
CA TYR A 251 -24.43 17.20 21.71
C TYR A 251 -23.02 17.04 22.28
N ALA A 252 -22.29 18.12 22.53
CA ALA A 252 -20.94 18.06 23.11
C ALA A 252 -21.05 17.36 24.47
N GLU A 253 -21.99 17.78 25.32
CA GLU A 253 -22.20 17.14 26.65
C GLU A 253 -22.54 15.65 26.45
N HIS A 254 -23.40 15.33 25.49
CA HIS A 254 -23.78 13.94 25.15
C HIS A 254 -22.52 13.12 24.79
N LEU A 255 -21.60 13.67 24.00
CA LEU A 255 -20.39 12.93 23.52
C LEU A 255 -19.51 12.54 24.71
N VAL A 256 -19.44 13.36 25.75
CA VAL A 256 -18.57 13.06 26.91
C VAL A 256 -19.41 12.46 28.06
N SER A 257 -20.68 12.15 27.84
CA SER A 257 -21.60 11.78 28.96
C SER A 257 -21.29 10.39 29.53
N LYS A 258 -20.54 9.54 28.83
CA LYS A 258 -20.24 8.16 29.31
C LYS A 258 -18.74 8.01 29.58
N LEU A 259 -17.97 9.09 29.49
CA LEU A 259 -16.49 9.03 29.61
C LEU A 259 -16.19 8.84 31.10
N ASP A 260 -15.72 7.64 31.46
CA ASP A 260 -15.38 7.23 32.85
C ASP A 260 -13.94 7.69 33.16
N ASP A 261 -13.67 8.98 33.00
CA ASP A 261 -12.38 9.65 33.36
C ASP A 261 -12.57 10.45 34.66
N GLU A 262 -11.50 11.08 35.15
CA GLU A 262 -11.42 11.78 36.45
C GLU A 262 -12.48 12.89 36.45
N TYR A 263 -12.49 13.75 35.43
CA TYR A 263 -13.42 14.89 35.32
C TYR A 263 -14.87 14.37 35.19
N GLY A 264 -15.07 13.31 34.41
CA GLY A 264 -16.40 12.66 34.21
C GLY A 264 -16.95 12.16 35.54
N ARG A 265 -16.10 11.54 36.36
CA ARG A 265 -16.46 11.01 37.71
C ARG A 265 -16.89 12.18 38.61
N LEU A 266 -16.12 13.27 38.65
CA LEU A 266 -16.45 14.48 39.48
C LEU A 266 -17.83 15.03 39.07
N ILE A 267 -18.07 15.23 37.77
CA ILE A 267 -19.34 15.82 37.22
C ILE A 267 -20.53 14.87 37.45
N ARG A 268 -20.33 13.55 37.28
CA ARG A 268 -21.36 12.48 37.46
C ARG A 268 -21.77 12.38 38.94
N SER A 269 -20.80 12.51 39.85
CA SER A 269 -20.98 12.51 41.33
C SER A 269 -21.23 13.95 41.79
N ALA A 289 -12.00 21.67 34.47
CA ALA A 289 -12.89 22.60 33.73
C ALA A 289 -12.09 23.70 33.02
N ASP A 290 -11.00 24.22 33.64
CA ASP A 290 -9.99 25.10 32.99
C ASP A 290 -9.32 24.34 31.83
N LYS A 291 -8.98 23.05 32.03
CA LYS A 291 -8.36 22.17 30.99
C LYS A 291 -9.41 21.85 29.92
N PHE A 292 -10.62 21.48 30.36
CA PHE A 292 -11.67 20.89 29.51
C PHE A 292 -12.94 21.74 29.61
N GLY A 293 -13.14 22.62 28.64
CA GLY A 293 -14.38 23.43 28.49
C GLY A 293 -14.26 24.32 27.28
N TYR A 294 -14.82 25.52 27.30
CA TYR A 294 -14.80 26.40 26.12
C TYR A 294 -13.63 27.36 26.28
N VAL A 295 -12.59 27.23 25.45
CA VAL A 295 -11.40 28.13 25.52
C VAL A 295 -11.70 29.35 24.67
N GLU A 296 -12.75 29.29 23.85
CA GLU A 296 -13.26 30.43 23.07
C GLU A 296 -14.75 30.19 22.90
N ARG A 297 -15.54 31.18 22.50
CA ARG A 297 -17.02 30.99 22.53
C ARG A 297 -17.42 29.72 21.78
N HIS A 298 -16.75 29.39 20.68
CA HIS A 298 -17.15 28.18 19.91
C HIS A 298 -16.05 27.14 19.80
N LEU A 299 -15.02 27.21 20.63
CA LEU A 299 -13.91 26.24 20.61
C LEU A 299 -13.94 25.47 21.93
N TRP A 300 -14.31 24.21 21.85
CA TRP A 300 -14.58 23.31 22.99
C TRP A 300 -13.45 22.31 23.12
N THR A 301 -12.73 22.30 24.25
CA THR A 301 -11.58 21.37 24.51
C THR A 301 -12.01 20.12 25.28
N GLY A 302 -13.29 19.96 25.60
CA GLY A 302 -13.82 18.80 26.34
C GLY A 302 -13.52 17.52 25.61
N ILE A 303 -13.49 17.58 24.28
CA ILE A 303 -13.16 16.40 23.43
C ILE A 303 -11.72 15.94 23.69
N GLY A 304 -10.86 16.83 24.20
CA GLY A 304 -9.49 16.51 24.63
C GLY A 304 -9.42 15.43 25.70
N ARG A 305 -10.48 15.22 26.46
CA ARG A 305 -10.53 14.14 27.49
C ARG A 305 -10.43 12.77 26.80
N ALA A 306 -10.84 12.66 25.54
CA ALA A 306 -10.82 11.40 24.75
C ALA A 306 -9.40 11.08 24.24
N ARG A 307 -8.46 12.03 24.28
CA ARG A 307 -7.07 11.88 23.78
C ARG A 307 -7.06 11.25 22.37
N SER A 308 -8.00 11.64 21.48
CA SER A 308 -7.98 11.40 20.00
C SER A 308 -6.80 12.17 19.40
N GLY A 309 -6.63 12.19 18.07
CA GLY A 309 -5.60 13.05 17.43
C GLY A 309 -5.72 14.54 17.83
N CYS A 310 -6.90 14.99 18.22
CA CYS A 310 -7.32 16.39 18.06
C CYS A 310 -8.16 16.82 19.27
N GLY A 311 -7.71 17.84 19.97
CA GLY A 311 -8.13 18.13 21.36
C GLY A 311 -9.21 19.20 21.44
N ALA A 312 -9.79 19.65 20.33
CA ALA A 312 -10.89 20.66 20.37
C ALA A 312 -11.83 20.51 19.18
N ALA A 313 -13.03 21.02 19.35
CA ALA A 313 -14.10 21.06 18.33
C ALA A 313 -14.59 22.50 18.17
N LEU A 314 -14.89 22.89 16.93
CA LEU A 314 -15.79 24.03 16.68
C LEU A 314 -17.19 23.56 17.02
N VAL A 315 -17.87 24.30 17.89
CA VAL A 315 -19.23 23.94 18.36
C VAL A 315 -20.13 25.16 18.18
N GLY A 316 -21.20 24.99 17.42
CA GLY A 316 -22.18 26.08 17.31
C GLY A 316 -23.26 25.80 16.32
N SER A 317 -24.07 26.83 16.10
CA SER A 317 -25.09 26.87 15.02
C SER A 317 -24.35 26.88 13.68
N THR A 318 -25.04 26.55 12.61
CA THR A 318 -24.56 26.70 11.22
C THR A 318 -23.96 28.10 11.03
N ASP A 319 -24.68 29.16 11.43
CA ASP A 319 -24.25 30.56 11.19
C ASP A 319 -22.97 30.83 11.98
N GLN A 320 -22.86 30.29 13.19
CA GLN A 320 -21.64 30.54 14.04
C GLN A 320 -20.45 29.82 13.41
N VAL A 321 -20.66 28.62 12.90
CA VAL A 321 -19.57 27.83 12.28
C VAL A 321 -19.14 28.51 10.97
N LEU A 322 -20.07 29.02 10.17
CA LEU A 322 -19.71 29.80 8.95
C LEU A 322 -18.89 31.03 9.36
N SER A 323 -19.30 31.71 10.42
CA SER A 323 -18.61 32.92 10.91
C SER A 323 -17.19 32.56 11.37
N GLU A 324 -17.01 31.44 12.10
CA GLU A 324 -15.67 30.98 12.52
C GLU A 324 -14.81 30.70 11.29
N ILE A 325 -15.34 29.99 10.31
CA ILE A 325 -14.56 29.64 9.08
C ILE A 325 -14.12 30.93 8.39
N GLU A 326 -15.01 31.91 8.27
CA GLU A 326 -14.67 33.21 7.61
C GLU A 326 -13.56 33.88 8.41
N ALA A 327 -13.62 33.78 9.74
CA ALA A 327 -12.62 34.43 10.61
C ALA A 327 -11.26 33.77 10.37
N TYR A 328 -11.20 32.43 10.33
CA TYR A 328 -9.94 31.71 10.02
C TYR A 328 -9.46 32.06 8.61
N LYS A 329 -10.36 32.12 7.63
CA LYS A 329 -9.95 32.51 6.24
C LYS A 329 -9.34 33.93 6.26
N LYS A 330 -9.90 34.86 7.01
CA LYS A 330 -9.37 36.25 7.02
C LYS A 330 -7.93 36.24 7.57
N MET A 331 -7.64 35.34 8.51
CA MET A 331 -6.27 35.18 9.08
C MET A 331 -5.28 34.64 8.03
N GLY A 332 -5.77 33.88 7.04
CA GLY A 332 -4.91 33.26 6.02
C GLY A 332 -5.10 31.76 5.86
N VAL A 333 -6.02 31.15 6.60
CA VAL A 333 -6.27 29.67 6.50
C VAL A 333 -6.99 29.40 5.18
N ARG A 334 -6.50 28.42 4.41
CA ARG A 334 -7.09 28.02 3.10
C ARG A 334 -7.39 26.52 3.07
N ALA A 335 -7.17 25.81 4.17
CA ALA A 335 -7.52 24.38 4.30
C ALA A 335 -8.12 24.13 5.68
N PHE A 336 -9.20 23.34 5.72
CA PHE A 336 -9.90 22.92 6.95
C PHE A 336 -10.03 21.41 6.88
N ILE A 337 -9.49 20.75 7.91
CA ILE A 337 -9.61 19.27 8.06
C ILE A 337 -10.47 19.02 9.29
N PHE A 338 -11.76 18.76 9.02
CA PHE A 338 -12.81 18.54 10.04
C PHE A 338 -13.05 17.05 10.25
N SER A 339 -13.61 16.77 11.41
CA SER A 339 -13.97 15.42 11.89
C SER A 339 -15.09 15.60 12.92
N GLY A 340 -15.71 14.50 13.30
CA GLY A 340 -16.75 14.54 14.35
C GLY A 340 -17.23 13.15 14.64
N TYR A 341 -18.24 13.03 15.49
CA TYR A 341 -18.61 11.77 16.14
C TYR A 341 -20.10 11.59 16.08
N PRO A 342 -20.58 10.45 15.55
CA PRO A 342 -19.81 9.54 14.70
C PRO A 342 -19.33 10.26 13.43
N HIS A 343 -18.30 9.72 12.79
CA HIS A 343 -17.63 10.38 11.65
C HIS A 343 -18.60 10.51 10.46
N LEU A 344 -19.43 9.51 10.19
CA LEU A 344 -20.39 9.63 9.05
C LEU A 344 -21.47 10.66 9.42
N ASP A 345 -22.00 10.57 10.64
CA ASP A 345 -23.16 11.39 11.08
C ASP A 345 -22.74 12.87 11.09
N GLU A 346 -21.54 13.21 11.57
CA GLU A 346 -21.14 14.62 11.59
C GLU A 346 -20.75 15.06 10.17
N ALA A 347 -20.26 14.18 9.28
CA ALA A 347 -20.03 14.55 7.88
C ALA A 347 -21.35 15.01 7.26
N GLU A 348 -22.44 14.30 7.50
CA GLU A 348 -23.78 14.65 6.98
C GLU A 348 -24.25 15.99 7.56
N HIS A 349 -24.09 16.22 8.86
CA HIS A 349 -24.49 17.50 9.49
C HIS A 349 -23.73 18.65 8.82
N PHE A 350 -22.41 18.54 8.79
CA PHE A 350 -21.55 19.63 8.25
C PHE A 350 -21.76 19.71 6.75
N GLY A 351 -21.82 18.55 6.12
CA GLY A 351 -21.86 18.48 4.66
C GLY A 351 -23.18 19.00 4.15
N LYS A 352 -24.28 18.86 4.89
CA LYS A 352 -25.61 19.37 4.42
C LYS A 352 -25.80 20.81 4.92
N LYS A 353 -25.36 21.16 6.12
CA LYS A 353 -25.73 22.46 6.73
C LYS A 353 -24.75 23.55 6.32
N VAL A 354 -23.46 23.27 6.35
CA VAL A 354 -22.41 24.31 6.16
C VAL A 354 -21.82 24.23 4.74
N LEU A 355 -21.38 23.05 4.33
CA LEU A 355 -20.48 22.88 3.15
C LEU A 355 -21.10 23.53 1.90
N PRO A 356 -22.41 23.37 1.57
CA PRO A 356 -22.97 23.98 0.37
C PRO A 356 -22.84 25.51 0.35
N GLN A 357 -22.73 26.16 1.51
CA GLN A 357 -22.65 27.64 1.62
C GLN A 357 -21.21 28.13 1.50
N LEU A 358 -20.23 27.22 1.36
CA LEU A 358 -18.81 27.60 1.28
C LEU A 358 -18.32 27.55 -0.17
N LYS A 359 -17.43 28.48 -0.52
CA LYS A 359 -16.61 28.41 -1.77
C LYS A 359 -15.47 27.43 -1.51
N THR A 360 -15.43 26.30 -2.21
CA THR A 360 -14.40 25.30 -1.97
C THR A 360 -13.49 25.15 -3.19
N CYS A 361 -12.31 24.63 -2.96
CA CYS A 361 -11.29 24.39 -3.98
C CYS A 361 -10.50 23.13 -3.66
N SER A 362 -9.73 22.71 -4.66
CA SER A 362 -8.69 21.65 -4.56
C SER A 362 -7.35 22.35 -4.65
N LEU A 363 -6.55 22.29 -3.60
CA LEU A 363 -5.26 23.02 -3.61
C LEU A 363 -4.35 22.47 -4.70
N PRO A 364 -4.26 21.14 -4.94
CA PRO A 364 -3.45 20.67 -6.06
C PRO A 364 -3.79 21.40 -7.37
N HIS A 365 -5.07 21.66 -7.62
CA HIS A 365 -5.57 22.37 -8.83
C HIS A 365 -5.17 23.85 -8.77
N ILE A 366 -5.38 24.51 -7.62
CA ILE A 366 -5.02 25.94 -7.42
C ILE A 366 -3.52 26.09 -7.70
N TYR A 367 -2.73 25.16 -7.22
CA TYR A 367 -1.25 25.23 -7.34
C TYR A 367 -0.76 24.83 -8.74
N GLY A 368 -1.65 24.36 -9.63
CA GLY A 368 -1.29 23.94 -10.99
C GLY A 368 -0.52 22.62 -11.00
N ARG A 369 -0.73 21.74 -10.00
CA ARG A 369 0.01 20.45 -9.94
C ARG A 369 -0.69 19.40 -10.81
N VAL A 370 -1.98 19.56 -11.05
CA VAL A 370 -2.79 18.52 -11.74
C VAL A 370 -2.85 18.88 -13.22
N PRO A 371 -2.20 18.12 -14.12
CA PRO A 371 -2.34 18.42 -15.55
C PRO A 371 -3.80 18.16 -16.00
N ALA A 372 -4.29 18.98 -16.93
CA ALA A 372 -5.64 18.88 -17.54
C ALA A 372 -5.74 17.56 -18.32
N ASP A 373 -4.64 17.19 -18.97
CA ASP A 373 -4.55 16.01 -19.87
C ASP A 373 -3.60 15.00 -19.22
N THR A 374 -3.79 13.71 -19.52
CA THR A 374 -2.84 12.64 -19.10
C THR A 374 -1.45 13.11 -19.44
N PRO A 375 -0.56 13.19 -18.45
CA PRO A 375 0.80 13.64 -18.69
C PRO A 375 1.64 12.56 -19.39
N ALA A 376 2.74 12.98 -19.98
CA ALA A 376 3.68 12.16 -20.77
C ALA A 376 4.63 11.45 -19.81
N THR A 377 4.09 10.80 -18.78
CA THR A 377 4.86 10.09 -17.75
C THR A 377 4.99 8.63 -18.19
N PRO A 378 5.98 7.91 -17.67
CA PRO A 378 6.10 6.48 -17.96
C PRO A 378 4.80 5.69 -17.70
N LEU A 379 4.06 6.00 -16.65
CA LEU A 379 2.77 5.31 -16.36
C LEU A 379 1.62 5.95 -17.15
N GLY A 380 1.76 7.20 -17.60
CA GLY A 380 0.72 7.87 -18.40
C GLY A 380 0.99 7.68 -19.90
N ALA A 381 1.06 8.78 -20.64
CA ALA A 381 1.15 8.75 -22.12
C ALA A 381 2.60 8.77 -22.59
N GLY A 382 3.57 8.65 -21.70
CA GLY A 382 5.01 8.69 -22.05
C GLY A 382 5.37 7.52 -22.96
N ARG A 383 6.42 7.70 -23.75
CA ARG A 383 6.99 6.65 -24.63
C ARG A 383 7.70 5.64 -23.74
N ARG A 384 7.38 4.36 -23.89
CA ARG A 384 8.10 3.29 -23.17
C ARG A 384 9.45 3.06 -23.87
N HIS A 385 10.52 3.04 -23.10
CA HIS A 385 11.92 2.80 -23.56
C HIS A 385 12.39 1.46 -22.98
N LEU A 386 13.30 0.77 -23.66
CA LEU A 386 14.01 -0.41 -23.09
C LEU A 386 15.20 0.09 -22.25
N MET B 1 5.34 -42.16 -6.80
CA MET B 1 6.10 -41.56 -5.70
C MET B 1 6.60 -40.17 -6.14
N THR B 2 6.40 -39.17 -5.30
CA THR B 2 6.98 -37.81 -5.51
C THR B 2 8.49 -37.87 -5.27
N VAL B 3 9.24 -36.89 -5.75
CA VAL B 3 10.72 -36.90 -5.66
C VAL B 3 11.08 -36.80 -4.18
N VAL B 4 10.34 -36.00 -3.42
CA VAL B 4 10.49 -35.85 -1.95
C VAL B 4 9.09 -35.90 -1.36
N PRO B 5 8.97 -36.13 -0.04
CA PRO B 5 7.69 -35.95 0.64
C PRO B 5 7.23 -34.49 0.50
N ILE B 6 5.94 -34.30 0.22
CA ILE B 6 5.32 -32.96 0.04
C ILE B 6 4.26 -32.76 1.11
N THR B 7 3.88 -31.51 1.33
CA THR B 7 2.92 -31.14 2.37
C THR B 7 1.53 -31.63 1.94
N SER B 8 1.26 -31.74 0.66
CA SER B 8 -0.12 -32.05 0.16
C SER B 8 -0.09 -33.33 -0.67
N PRO B 9 0.30 -34.49 -0.11
CA PRO B 9 0.57 -35.67 -0.91
C PRO B 9 -0.71 -36.25 -1.55
N ASP B 10 -1.88 -36.00 -0.96
CA ASP B 10 -3.16 -36.58 -1.49
C ASP B 10 -3.91 -35.53 -2.29
N LEU B 11 -3.33 -34.34 -2.50
CA LEU B 11 -3.98 -33.30 -3.34
C LEU B 11 -3.84 -33.75 -4.81
N ASP B 12 -4.92 -33.93 -5.57
CA ASP B 12 -4.75 -34.32 -6.99
C ASP B 12 -5.01 -33.12 -7.91
N ALA B 13 -5.14 -31.91 -7.36
CA ALA B 13 -5.38 -30.67 -8.13
C ALA B 13 -4.13 -29.80 -8.00
N ALA B 14 -4.07 -28.70 -8.73
CA ALA B 14 -2.91 -27.81 -8.65
C ALA B 14 -3.42 -26.37 -8.64
N GLU B 15 -2.70 -25.48 -7.97
CA GLU B 15 -3.03 -24.06 -8.01
C GLU B 15 -2.37 -23.49 -9.25
N VAL B 16 -3.17 -23.28 -10.27
CA VAL B 16 -2.65 -22.85 -11.59
C VAL B 16 -2.85 -21.34 -11.69
N SER B 17 -1.75 -20.63 -11.94
CA SER B 17 -1.65 -19.17 -11.77
C SER B 17 -1.13 -18.50 -13.04
N TRP B 18 -1.39 -17.20 -13.13
CA TRP B 18 -0.82 -16.31 -14.15
C TRP B 18 0.14 -15.32 -13.48
N PHE B 19 0.51 -14.30 -14.21
CA PHE B 19 1.56 -13.33 -13.87
C PHE B 19 1.10 -11.94 -14.29
N ALA B 20 1.16 -10.95 -13.39
CA ALA B 20 0.48 -9.63 -13.58
C ALA B 20 1.37 -8.61 -14.27
N ALA B 21 2.65 -8.90 -14.48
CA ALA B 21 3.57 -8.14 -15.34
C ALA B 21 3.60 -6.70 -14.85
N LEU B 22 3.81 -6.51 -13.54
CA LEU B 22 3.80 -5.17 -12.92
C LEU B 22 5.08 -4.39 -13.20
N CYS B 23 6.09 -5.01 -13.78
CA CYS B 23 7.45 -4.40 -13.85
C CYS B 23 7.96 -4.30 -15.25
N SER B 24 7.17 -3.77 -16.16
CA SER B 24 7.55 -3.57 -17.58
C SER B 24 7.90 -4.93 -18.21
N ASP B 25 7.13 -5.95 -17.88
CA ASP B 25 7.36 -7.35 -18.33
C ASP B 25 6.62 -7.67 -19.62
N ASP B 26 5.63 -6.88 -20.06
CA ASP B 26 4.73 -7.30 -21.16
C ASP B 26 5.33 -6.85 -22.49
N TYR B 27 5.26 -7.74 -23.49
CA TYR B 27 5.82 -7.60 -24.86
C TYR B 27 4.97 -8.41 -25.84
N ALA B 28 4.90 -7.96 -27.09
CA ALA B 28 4.42 -8.75 -28.24
C ALA B 28 5.65 -9.39 -28.91
N TYR B 29 6.74 -8.65 -29.03
CA TYR B 29 8.06 -9.20 -29.47
C TYR B 29 9.05 -8.88 -28.36
N LEU B 30 9.82 -9.88 -27.94
CA LEU B 30 10.81 -9.72 -26.88
C LEU B 30 11.84 -8.69 -27.34
N GLY B 31 12.22 -7.79 -26.43
CA GLY B 31 13.20 -6.73 -26.71
C GLY B 31 12.55 -5.55 -27.42
N VAL B 32 11.25 -5.56 -27.70
CA VAL B 32 10.60 -4.41 -28.40
C VAL B 32 9.60 -3.73 -27.48
N PRO B 33 9.95 -2.52 -26.95
CA PRO B 33 9.06 -1.80 -26.04
C PRO B 33 7.79 -1.42 -26.81
N ASP B 34 6.65 -1.67 -26.20
CA ASP B 34 5.31 -1.40 -26.77
C ASP B 34 4.53 -0.59 -25.74
N ASP B 35 4.18 0.66 -26.06
CA ASP B 35 3.42 1.57 -25.18
C ASP B 35 2.10 0.95 -24.74
N ALA B 36 1.40 0.22 -25.61
CA ALA B 36 0.07 -0.35 -25.31
C ALA B 36 0.22 -1.53 -24.32
N LEU B 37 1.43 -2.04 -24.09
CA LEU B 37 1.66 -3.17 -23.15
C LEU B 37 2.43 -2.69 -21.90
N LYS B 38 2.53 -1.37 -21.67
CA LYS B 38 3.22 -0.84 -20.47
C LYS B 38 2.47 -1.29 -19.21
N SER B 39 3.19 -1.34 -18.10
CA SER B 39 2.67 -1.77 -16.79
C SER B 39 1.90 -0.64 -16.10
N SER B 40 0.89 -0.11 -16.78
CA SER B 40 -0.07 0.90 -16.23
C SER B 40 -1.06 0.14 -15.37
N PHE B 41 -1.73 0.83 -14.46
CA PHE B 41 -2.75 0.16 -13.63
C PHE B 41 -3.83 -0.43 -14.56
N GLU B 42 -4.26 0.30 -15.58
CA GLU B 42 -5.32 -0.14 -16.53
C GLU B 42 -4.92 -1.52 -17.13
N HIS B 43 -3.69 -1.63 -17.59
CA HIS B 43 -3.23 -2.83 -18.32
C HIS B 43 -3.05 -3.97 -17.33
N CYS B 44 -2.34 -3.75 -16.23
CA CYS B 44 -2.00 -4.82 -15.28
C CYS B 44 -3.27 -5.31 -14.57
N SER B 45 -4.19 -4.41 -14.21
CA SER B 45 -5.46 -4.82 -13.60
C SER B 45 -6.30 -5.64 -14.61
N GLU B 46 -6.21 -5.32 -15.90
CA GLU B 46 -6.90 -6.13 -16.94
C GLU B 46 -6.32 -7.57 -16.96
N ILE B 47 -5.01 -7.73 -16.78
CA ILE B 47 -4.41 -9.10 -16.75
C ILE B 47 -5.07 -9.84 -15.56
N VAL B 48 -5.20 -9.16 -14.41
CA VAL B 48 -5.72 -9.81 -13.18
C VAL B 48 -7.19 -10.19 -13.41
N THR B 49 -8.01 -9.26 -13.93
CA THR B 49 -9.48 -9.51 -14.04
C THR B 49 -9.73 -10.57 -15.10
N ARG B 50 -8.98 -10.54 -16.17
CA ARG B 50 -9.05 -11.56 -17.25
C ARG B 50 -8.62 -12.93 -16.72
N ALA B 51 -7.49 -12.98 -16.01
CA ALA B 51 -7.01 -14.24 -15.38
C ALA B 51 -8.11 -14.81 -14.49
N GLU B 52 -8.78 -13.95 -13.71
CA GLU B 52 -9.84 -14.38 -12.79
C GLU B 52 -11.00 -15.01 -13.58
N THR B 53 -11.49 -14.32 -14.59
CA THR B 53 -12.63 -14.80 -15.44
C THR B 53 -12.27 -16.15 -16.08
N LEU B 54 -11.02 -16.31 -16.52
CA LEU B 54 -10.56 -17.52 -17.22
C LEU B 54 -10.44 -18.69 -16.26
N GLY B 55 -10.36 -18.42 -14.95
CA GLY B 55 -10.36 -19.47 -13.92
C GLY B 55 -8.97 -19.70 -13.33
N PHE B 56 -7.99 -18.83 -13.58
CA PHE B 56 -6.70 -18.91 -12.85
C PHE B 56 -6.97 -18.77 -11.37
N ARG B 57 -6.20 -19.43 -10.52
CA ARG B 57 -6.50 -19.51 -9.07
C ARG B 57 -5.59 -18.57 -8.27
N ASN B 58 -4.53 -18.08 -8.86
CA ASN B 58 -3.61 -17.13 -8.20
C ASN B 58 -2.91 -16.37 -9.32
N ILE B 59 -2.17 -15.32 -8.97
CA ILE B 59 -1.44 -14.49 -9.94
C ILE B 59 -0.27 -13.83 -9.23
N LEU B 60 0.92 -14.09 -9.74
CA LEU B 60 2.17 -13.52 -9.18
C LEU B 60 2.26 -12.05 -9.56
N CYS B 61 2.38 -11.20 -8.53
CA CYS B 61 2.53 -9.74 -8.65
C CYS B 61 3.94 -9.36 -8.27
N PRO B 62 4.86 -9.22 -9.24
CA PRO B 62 6.29 -9.04 -8.94
C PRO B 62 6.55 -7.65 -8.35
N SER B 63 7.71 -7.51 -7.74
CA SER B 63 8.14 -6.26 -7.09
C SER B 63 9.54 -5.93 -7.57
N SER B 64 9.71 -4.84 -8.31
CA SER B 64 11.07 -4.32 -8.57
C SER B 64 10.98 -2.87 -8.97
N TYR B 65 12.10 -2.17 -8.91
CA TYR B 65 12.19 -0.73 -9.20
C TYR B 65 12.31 -0.59 -10.72
N GLN B 66 11.19 -0.80 -11.38
CA GLN B 66 11.02 -0.68 -12.84
C GLN B 66 9.71 0.06 -13.04
N VAL B 67 9.54 0.70 -14.18
CA VAL B 67 8.26 1.36 -14.51
C VAL B 67 7.15 0.32 -14.34
N GLY B 68 6.19 0.66 -13.50
CA GLY B 68 5.01 -0.17 -13.25
C GLY B 68 4.42 0.10 -11.89
N GLN B 69 3.74 -0.90 -11.36
CA GLN B 69 2.85 -0.75 -10.19
C GLN B 69 3.56 -1.27 -8.96
N ASP B 70 3.68 -0.42 -7.95
CA ASP B 70 4.01 -0.85 -6.57
C ASP B 70 3.12 -2.05 -6.22
N THR B 71 3.74 -3.14 -5.81
CA THR B 71 3.04 -4.44 -5.62
C THR B 71 1.90 -4.29 -4.60
N LEU B 72 2.18 -3.79 -3.40
CA LEU B 72 1.13 -3.82 -2.36
C LEU B 72 0.04 -2.82 -2.68
N SER B 73 0.34 -1.66 -3.27
CA SER B 73 -0.69 -0.72 -3.81
C SER B 73 -1.54 -1.44 -4.86
N PHE B 74 -0.91 -2.15 -5.78
CA PHE B 74 -1.60 -2.85 -6.87
C PHE B 74 -2.57 -3.88 -6.27
N VAL B 75 -2.08 -4.68 -5.34
CA VAL B 75 -2.94 -5.70 -4.66
C VAL B 75 -4.11 -5.02 -3.97
N ALA B 76 -3.89 -3.94 -3.23
CA ALA B 76 -4.99 -3.19 -2.57
C ALA B 76 -6.04 -2.75 -3.61
N ALA B 77 -5.60 -2.09 -4.68
CA ALA B 77 -6.51 -1.61 -5.74
C ALA B 77 -7.25 -2.81 -6.35
N CYS B 78 -6.56 -3.93 -6.61
CA CYS B 78 -7.21 -5.12 -7.23
C CYS B 78 -8.23 -5.73 -6.27
N SER B 79 -8.08 -5.58 -4.95
CA SER B 79 -9.04 -6.16 -3.97
C SER B 79 -10.44 -5.66 -4.32
N GLN B 80 -10.56 -4.47 -4.88
CA GLN B 80 -11.88 -3.81 -5.09
C GLN B 80 -12.50 -4.24 -6.44
N ILE B 81 -11.79 -5.02 -7.28
CA ILE B 81 -12.29 -5.38 -8.65
C ILE B 81 -12.10 -6.88 -8.91
N THR B 82 -11.84 -7.66 -7.86
CA THR B 82 -11.74 -9.14 -7.88
C THR B 82 -12.60 -9.70 -6.76
N GLU B 83 -12.95 -10.99 -6.87
CA GLU B 83 -13.86 -11.68 -5.95
C GLU B 83 -13.34 -13.10 -5.67
N ARG B 84 -12.52 -13.70 -6.52
CA ARG B 84 -12.22 -15.15 -6.43
C ARG B 84 -10.72 -15.45 -6.49
N ILE B 85 -10.01 -14.84 -7.41
CA ILE B 85 -8.57 -15.17 -7.66
C ILE B 85 -7.76 -14.79 -6.40
N ASN B 86 -6.80 -15.63 -6.05
CA ASN B 86 -5.78 -15.28 -5.04
C ASN B 86 -4.81 -14.29 -5.69
N LEU B 87 -4.12 -13.50 -4.88
CA LEU B 87 -3.00 -12.68 -5.39
C LEU B 87 -1.75 -13.08 -4.64
N LEU B 88 -0.64 -13.17 -5.35
CA LEU B 88 0.65 -13.57 -4.79
C LEU B 88 1.53 -12.33 -4.85
N ALA B 89 1.72 -11.71 -3.71
CA ALA B 89 2.34 -10.37 -3.64
C ALA B 89 3.80 -10.55 -3.27
N ALA B 90 4.69 -10.13 -4.16
CA ALA B 90 6.13 -10.05 -3.88
C ALA B 90 6.34 -8.98 -2.83
N ILE B 91 7.01 -9.35 -1.73
CA ILE B 91 7.39 -8.42 -0.65
C ILE B 91 8.88 -8.63 -0.38
N ARG B 92 9.62 -7.53 -0.36
CA ARG B 92 11.09 -7.56 -0.20
C ARG B 92 11.39 -7.26 1.26
N CYS B 93 12.00 -8.21 1.94
CA CYS B 93 12.27 -8.13 3.39
C CYS B 93 13.07 -6.86 3.70
N GLY B 94 12.56 -6.08 4.63
CA GLY B 94 13.22 -4.86 5.14
C GLY B 94 12.82 -3.61 4.40
N GLU B 95 12.18 -3.72 3.23
CA GLU B 95 11.82 -2.54 2.41
C GLU B 95 10.78 -1.68 3.13
N MET B 96 9.96 -2.29 3.98
CA MET B 96 9.00 -1.59 4.86
C MET B 96 9.30 -2.06 6.28
N GLN B 97 9.21 -1.15 7.25
CA GLN B 97 9.38 -1.48 8.67
C GLN B 97 8.43 -2.65 8.96
N PRO B 98 8.97 -3.76 9.54
CA PRO B 98 8.24 -5.03 9.54
C PRO B 98 6.94 -5.07 10.33
N ILE B 99 6.81 -4.24 11.37
CA ILE B 99 5.56 -4.16 12.14
C ILE B 99 4.49 -3.53 11.20
N MET B 100 4.85 -2.47 10.52
CA MET B 100 3.91 -1.83 9.57
C MET B 100 3.69 -2.75 8.37
N LEU B 101 4.68 -3.57 7.98
CA LEU B 101 4.41 -4.62 6.95
C LEU B 101 3.31 -5.56 7.48
N ALA B 102 3.41 -6.01 8.73
CA ALA B 102 2.40 -6.89 9.34
C ALA B 102 1.02 -6.21 9.29
N ARG B 103 0.95 -4.92 9.59
CA ARG B 103 -0.34 -4.17 9.58
C ARG B 103 -0.86 -4.08 8.15
N THR B 104 0.04 -3.90 7.19
CA THR B 104 -0.32 -3.81 5.74
C THR B 104 -0.86 -5.18 5.32
N VAL B 105 -0.19 -6.23 5.72
CA VAL B 105 -0.65 -7.61 5.40
C VAL B 105 -2.05 -7.84 5.99
N ALA B 106 -2.30 -7.41 7.22
CA ALA B 106 -3.64 -7.59 7.85
C ALA B 106 -4.68 -6.78 7.07
N THR B 107 -4.33 -5.57 6.66
CA THR B 107 -5.23 -4.66 5.88
C THR B 107 -5.60 -5.33 4.55
N LEU B 108 -4.60 -5.76 3.80
CA LEU B 108 -4.84 -6.40 2.47
C LEU B 108 -5.61 -7.70 2.66
N ASP B 109 -5.27 -8.47 3.68
CA ASP B 109 -5.89 -9.81 3.89
C ASP B 109 -7.38 -9.62 4.15
N HIS B 110 -7.76 -8.57 4.89
CA HIS B 110 -9.20 -8.32 5.16
C HIS B 110 -9.84 -7.72 3.90
N MET B 111 -9.14 -6.85 3.16
CA MET B 111 -9.69 -6.33 1.89
C MET B 111 -10.00 -7.52 0.96
N LEU B 112 -9.17 -8.56 0.95
CA LEU B 112 -9.25 -9.70 0.00
C LEU B 112 -10.06 -10.87 0.57
N LYS B 113 -10.50 -10.81 1.84
CA LYS B 113 -11.16 -11.93 2.56
C LYS B 113 -10.29 -13.19 2.42
N GLY B 114 -8.98 -13.03 2.61
CA GLY B 114 -8.07 -14.19 2.68
C GLY B 114 -7.52 -14.62 1.33
N ARG B 115 -7.76 -13.91 0.23
CA ARG B 115 -7.21 -14.22 -1.12
C ARG B 115 -5.78 -13.68 -1.30
N LEU B 116 -4.95 -13.76 -0.26
CA LEU B 116 -3.60 -13.18 -0.24
C LEU B 116 -2.60 -14.30 0.02
N THR B 117 -1.56 -14.34 -0.80
CA THR B 117 -0.38 -15.19 -0.61
C THR B 117 0.80 -14.24 -0.77
N LEU B 118 1.91 -14.55 -0.12
CA LEU B 118 3.08 -13.64 -0.10
C LEU B 118 4.29 -14.34 -0.72
N ASN B 119 4.97 -13.66 -1.60
CA ASN B 119 6.20 -14.10 -2.25
C ASN B 119 7.36 -13.32 -1.60
N VAL B 120 8.00 -13.94 -0.64
CA VAL B 120 9.07 -13.30 0.16
C VAL B 120 10.35 -13.26 -0.68
N ILE B 121 10.88 -12.07 -0.94
CA ILE B 121 12.13 -11.93 -1.72
C ILE B 121 13.15 -11.18 -0.88
N SER B 122 14.41 -11.42 -1.19
CA SER B 122 15.53 -11.08 -0.28
C SER B 122 16.58 -10.23 -1.00
N SER B 123 16.24 -9.71 -2.16
CA SER B 123 17.14 -8.91 -3.02
C SER B 123 17.32 -7.50 -2.43
N ASP B 124 18.29 -6.78 -2.98
CA ASP B 124 18.64 -5.40 -2.54
C ASP B 124 17.46 -4.42 -2.72
N PHE B 125 17.40 -3.42 -1.86
CA PHE B 125 16.59 -2.21 -2.05
C PHE B 125 17.13 -1.48 -3.29
N PRO B 126 16.28 -0.70 -3.98
CA PRO B 126 16.74 0.10 -5.12
C PRO B 126 17.78 1.12 -4.68
N GLY B 127 18.87 1.18 -5.42
CA GLY B 127 19.96 2.14 -5.20
C GLY B 127 20.83 1.75 -4.04
N GLU B 128 20.71 0.54 -3.53
CA GLU B 128 21.50 0.06 -2.36
C GLU B 128 22.12 -1.30 -2.67
N VAL B 129 23.23 -1.59 -2.01
CA VAL B 129 23.92 -2.90 -2.14
C VAL B 129 24.25 -3.38 -0.74
N ALA B 130 23.67 -4.51 -0.36
CA ALA B 130 23.94 -5.16 0.95
C ALA B 130 24.38 -6.59 0.66
N ASP B 131 25.30 -7.09 1.45
CA ASP B 131 25.84 -8.44 1.17
C ASP B 131 24.71 -9.46 1.35
N SER B 132 24.78 -10.51 0.56
CA SER B 132 23.82 -11.62 0.48
C SER B 132 23.58 -12.18 1.88
N ALA B 133 24.63 -12.48 2.63
CA ALA B 133 24.52 -13.15 3.94
C ALA B 133 23.63 -12.29 4.84
N PHE B 134 23.85 -10.99 4.85
CA PHE B 134 23.10 -10.03 5.68
C PHE B 134 21.64 -9.99 5.24
N ARG B 135 21.41 -9.97 3.93
CA ARG B 135 20.03 -9.90 3.38
C ARG B 135 19.24 -11.13 3.81
N TYR B 136 19.86 -12.31 3.82
CA TYR B 136 19.14 -13.55 4.20
C TYR B 136 18.90 -13.55 5.71
N ARG B 137 19.82 -13.05 6.53
CA ARG B 137 19.61 -12.96 8.01
C ARG B 137 18.45 -12.01 8.29
N ARG B 138 18.39 -10.89 7.57
CA ARG B 138 17.28 -9.89 7.69
C ARG B 138 15.96 -10.56 7.26
N SER B 139 15.97 -11.35 6.20
CA SER B 139 14.74 -12.05 5.71
C SER B 139 14.20 -12.99 6.81
N HIS B 140 15.05 -13.82 7.44
CA HIS B 140 14.66 -14.65 8.61
C HIS B 140 13.95 -13.81 9.68
N GLU B 141 14.50 -12.64 10.04
CA GLU B 141 13.87 -11.79 11.09
C GLU B 141 12.51 -11.32 10.60
N VAL B 142 12.42 -10.82 9.36
CA VAL B 142 11.14 -10.24 8.87
C VAL B 142 10.08 -11.35 8.88
N VAL B 143 10.42 -12.52 8.36
CA VAL B 143 9.42 -13.62 8.31
C VAL B 143 9.05 -14.07 9.72
N GLN B 144 10.02 -14.16 10.63
CA GLN B 144 9.72 -14.55 12.04
C GLN B 144 8.74 -13.52 12.63
N ILE B 145 8.96 -12.24 12.35
CA ILE B 145 8.08 -11.16 12.91
C ILE B 145 6.67 -11.34 12.33
N LEU B 146 6.56 -11.57 11.03
CA LEU B 146 5.23 -11.76 10.38
C LEU B 146 4.50 -12.94 11.03
N ARG B 147 5.19 -14.06 11.20
CA ARG B 147 4.59 -15.31 11.74
C ARG B 147 4.17 -15.08 13.20
N GLN B 148 4.91 -14.28 13.98
CA GLN B 148 4.43 -13.90 15.34
C GLN B 148 3.15 -13.08 15.23
N ALA B 149 3.09 -12.10 14.33
CA ALA B 149 1.88 -11.25 14.17
C ALA B 149 0.69 -12.16 13.92
N TRP B 150 0.89 -13.25 13.17
CA TRP B 150 -0.20 -14.14 12.69
C TRP B 150 -0.64 -15.11 13.77
N THR B 151 0.19 -15.37 14.79
CA THR B 151 -0.03 -16.51 15.71
C THR B 151 -0.01 -16.10 17.19
N ARG B 152 0.55 -14.94 17.57
CA ARG B 152 0.77 -14.58 18.98
C ARG B 152 0.03 -13.30 19.33
N ASP B 153 -0.06 -12.99 20.62
CA ASP B 153 -0.69 -11.75 21.14
C ASP B 153 0.29 -10.58 21.08
N THR B 154 1.59 -10.85 21.10
CA THR B 154 2.62 -9.81 21.07
C THR B 154 3.78 -10.29 20.22
N ILE B 155 4.50 -9.34 19.66
CA ILE B 155 5.79 -9.55 18.94
C ILE B 155 6.89 -9.38 19.99
N ASP B 156 7.69 -10.42 20.16
CA ASP B 156 8.90 -10.44 21.03
C ASP B 156 9.99 -11.05 20.18
N HIS B 157 10.89 -10.20 19.72
CA HIS B 157 11.89 -10.56 18.69
C HIS B 157 13.19 -9.81 19.01
N GLU B 158 14.29 -10.53 19.25
CA GLU B 158 15.61 -9.90 19.53
C GLU B 158 16.58 -10.36 18.45
N GLY B 159 16.86 -9.52 17.47
CA GLY B 159 17.75 -9.91 16.36
C GLY B 159 18.82 -8.87 16.13
N GLU B 160 19.57 -9.09 15.07
CA GLU B 160 20.64 -8.19 14.57
C GLU B 160 20.00 -6.91 14.01
N VAL B 161 18.92 -7.01 13.23
CA VAL B 161 18.38 -5.82 12.51
C VAL B 161 17.24 -5.19 13.33
N TYR B 162 16.41 -6.02 13.93
CA TYR B 162 15.18 -5.57 14.62
C TYR B 162 15.18 -6.10 16.05
N ASN B 163 14.61 -5.32 16.93
CA ASN B 163 14.41 -5.68 18.35
C ASN B 163 13.07 -5.11 18.81
N PHE B 164 12.08 -5.97 19.06
CA PHE B 164 10.72 -5.58 19.49
C PHE B 164 10.45 -6.34 20.78
N LYS B 165 9.85 -5.66 21.75
CA LYS B 165 9.41 -6.29 23.01
C LYS B 165 7.97 -5.91 23.25
N GLY B 166 7.10 -6.91 23.40
CA GLY B 166 5.74 -6.71 23.93
C GLY B 166 4.90 -5.86 22.99
N VAL B 167 5.19 -5.84 21.70
CA VAL B 167 4.37 -5.06 20.75
C VAL B 167 3.08 -5.84 20.46
N THR B 168 1.93 -5.24 20.75
CA THR B 168 0.61 -5.87 20.50
C THR B 168 0.54 -6.26 19.03
N THR B 169 -0.05 -7.43 18.76
CA THR B 169 -0.34 -7.89 17.38
C THR B 169 -1.74 -7.47 16.92
N GLU B 170 -2.52 -6.84 17.80
CA GLU B 170 -3.93 -6.52 17.49
C GLU B 170 -4.02 -5.79 16.15
N PRO B 171 -3.20 -4.77 15.84
CA PRO B 171 -3.34 -4.07 14.57
C PRO B 171 -2.80 -4.85 13.35
N ALA B 172 -2.24 -6.04 13.55
CA ALA B 172 -1.60 -6.85 12.50
C ALA B 172 -2.25 -8.23 12.42
N ARG B 173 -3.46 -8.46 12.94
CA ARG B 173 -4.10 -9.79 12.91
C ARG B 173 -4.71 -10.02 11.54
N PRO B 174 -4.25 -11.06 10.82
CA PRO B 174 -4.72 -11.27 9.47
C PRO B 174 -6.10 -11.92 9.47
N TYR B 175 -6.67 -11.97 8.28
CA TYR B 175 -7.98 -12.62 8.06
C TYR B 175 -7.78 -14.13 8.11
N GLN B 176 -6.69 -14.59 7.50
CA GLN B 176 -6.37 -16.03 7.45
C GLN B 176 -6.01 -16.54 8.83
N GLN B 177 -6.41 -17.76 9.14
CA GLN B 177 -6.21 -18.39 10.47
C GLN B 177 -5.26 -19.57 10.34
N ASN B 178 -5.12 -20.35 11.40
CA ASN B 178 -4.33 -21.62 11.39
C ASN B 178 -2.93 -21.37 10.84
N GLY B 179 -2.33 -20.22 11.18
CA GLY B 179 -0.93 -19.90 10.82
C GLY B 179 -0.85 -18.62 10.01
N GLY B 180 -1.93 -18.26 9.31
CA GLY B 180 -1.94 -17.03 8.51
C GLY B 180 -1.71 -17.29 7.04
N PRO B 181 -1.42 -16.23 6.25
CA PRO B 181 -1.21 -16.37 4.82
C PRO B 181 -0.02 -17.29 4.49
N LEU B 182 -0.11 -17.97 3.37
CA LEU B 182 0.95 -18.85 2.84
C LEU B 182 2.08 -18.03 2.21
N LEU B 183 3.30 -18.49 2.43
CA LEU B 183 4.52 -17.94 1.80
C LEU B 183 4.99 -18.84 0.65
N TYR B 184 5.09 -18.27 -0.55
CA TYR B 184 5.63 -18.96 -1.74
C TYR B 184 6.92 -18.25 -2.12
N PHE B 185 8.05 -18.92 -2.05
CA PHE B 185 9.30 -18.33 -2.56
C PHE B 185 10.33 -19.40 -2.88
N GLY B 186 11.40 -19.00 -3.56
CA GLY B 186 12.43 -19.94 -3.96
C GLY B 186 13.82 -19.39 -3.68
N GLY B 187 14.76 -19.79 -4.53
CA GLY B 187 16.18 -19.43 -4.43
C GLY B 187 16.99 -20.68 -4.27
N TYR B 188 18.25 -20.56 -4.63
CA TYR B 188 19.10 -21.74 -4.94
C TYR B 188 20.35 -21.71 -4.08
N SER B 189 20.77 -20.55 -3.61
CA SER B 189 21.99 -20.42 -2.76
C SER B 189 21.77 -21.16 -1.44
N PRO B 190 22.84 -21.59 -0.75
CA PRO B 190 22.70 -22.22 0.55
C PRO B 190 21.83 -21.38 1.52
N ASP B 191 22.02 -20.08 1.56
CA ASP B 191 21.25 -19.19 2.47
C ASP B 191 19.77 -19.18 2.03
N ALA B 192 19.46 -19.14 0.72
CA ALA B 192 18.05 -19.19 0.27
C ALA B 192 17.44 -20.54 0.62
N LEU B 193 18.20 -21.64 0.44
CA LEU B 193 17.66 -22.99 0.74
C LEU B 193 17.30 -23.07 2.22
N GLU B 194 18.11 -22.44 3.08
CA GLU B 194 17.90 -22.50 4.55
C GLU B 194 16.65 -21.68 4.88
N LEU B 195 16.50 -20.50 4.28
CA LEU B 195 15.30 -19.67 4.50
C LEU B 195 14.06 -20.41 3.98
N CYS B 196 14.16 -21.04 2.81
CA CYS B 196 13.01 -21.80 2.25
C CYS B 196 12.69 -22.99 3.16
N GLY B 197 13.69 -23.78 3.57
CA GLY B 197 13.45 -24.96 4.41
C GLY B 197 12.83 -24.61 5.76
N ALA B 198 13.25 -23.47 6.34
CA ALA B 198 12.78 -23.01 7.67
C ALA B 198 11.41 -22.35 7.54
N GLN B 199 11.08 -21.66 6.44
CA GLN B 199 9.97 -20.68 6.45
C GLN B 199 9.03 -20.77 5.24
N CYS B 200 9.41 -21.33 4.10
CA CYS B 200 8.47 -21.26 2.96
C CYS B 200 7.39 -22.33 3.16
N ASP B 201 6.22 -22.08 2.60
CA ASP B 201 5.14 -23.10 2.51
C ASP B 201 5.26 -23.74 1.12
N VAL B 202 5.37 -22.92 0.10
CA VAL B 202 5.56 -23.38 -1.29
C VAL B 202 6.95 -22.91 -1.74
N TYR B 203 7.74 -23.86 -2.21
CA TYR B 203 9.08 -23.63 -2.80
C TYR B 203 8.90 -23.44 -4.30
N LEU B 204 9.19 -22.25 -4.77
CA LEU B 204 9.08 -21.88 -6.21
C LEU B 204 10.38 -22.19 -6.93
N MET B 205 10.24 -22.96 -7.99
CA MET B 205 11.40 -23.39 -8.83
C MET B 205 11.25 -22.79 -10.21
N TRP B 206 12.35 -22.22 -10.69
CA TRP B 206 12.46 -21.68 -12.05
C TRP B 206 12.74 -22.87 -12.97
N PRO B 207 12.51 -22.71 -14.29
CA PRO B 207 12.43 -23.87 -15.18
C PRO B 207 13.81 -24.46 -15.52
N GLU B 208 13.96 -25.76 -15.33
CA GLU B 208 15.20 -26.52 -15.59
C GLU B 208 14.76 -27.89 -16.07
N PRO B 209 15.62 -28.70 -16.74
CA PRO B 209 15.22 -30.07 -17.09
C PRO B 209 14.77 -30.80 -15.82
N LYS B 210 13.91 -31.82 -15.96
CA LYS B 210 13.28 -32.52 -14.81
C LYS B 210 14.33 -33.16 -13.90
N GLU B 211 15.43 -33.70 -14.45
CA GLU B 211 16.49 -34.34 -13.64
C GLU B 211 17.04 -33.32 -12.62
N GLN B 212 17.15 -32.07 -13.06
CA GLN B 212 17.75 -31.00 -12.26
C GLN B 212 16.70 -30.53 -11.27
N ILE B 213 15.45 -30.38 -11.72
CA ILE B 213 14.34 -30.03 -10.79
C ILE B 213 14.34 -31.04 -9.64
N ALA B 214 14.47 -32.34 -9.90
CA ALA B 214 14.47 -33.39 -8.86
C ALA B 214 15.57 -33.07 -7.84
N GLU B 215 16.79 -32.75 -8.28
CA GLU B 215 17.88 -32.38 -7.35
C GLU B 215 17.52 -31.09 -6.60
N ARG B 216 16.90 -30.10 -7.24
CA ARG B 216 16.47 -28.88 -6.52
C ARG B 216 15.55 -29.23 -5.36
N MET B 217 14.57 -30.08 -5.60
CA MET B 217 13.60 -30.53 -4.58
C MET B 217 14.31 -31.26 -3.44
N LYS B 218 15.21 -32.18 -3.74
CA LYS B 218 15.93 -32.91 -2.66
C LYS B 218 16.79 -31.91 -1.86
N ALA B 219 17.43 -30.96 -2.51
CA ALA B 219 18.33 -29.98 -1.83
C ALA B 219 17.53 -29.15 -0.83
N VAL B 220 16.38 -28.61 -1.23
CA VAL B 220 15.58 -27.78 -0.31
C VAL B 220 14.89 -28.67 0.73
N HIS B 221 14.41 -29.85 0.35
CA HIS B 221 13.74 -30.79 1.31
C HIS B 221 14.72 -31.16 2.43
N ALA B 222 16.01 -31.31 2.15
CA ALA B 222 17.00 -31.63 3.21
C ALA B 222 16.97 -30.50 4.26
N ARG B 223 16.79 -29.23 3.86
CA ARG B 223 16.72 -28.10 4.82
C ARG B 223 15.36 -28.12 5.55
N ALA B 224 14.25 -28.39 4.85
CA ALA B 224 12.91 -28.48 5.46
C ALA B 224 12.93 -29.61 6.53
N GLU B 225 13.50 -30.75 6.18
CA GLU B 225 13.51 -31.94 7.07
C GLU B 225 14.28 -31.60 8.37
N ALA B 226 15.35 -30.84 8.28
CA ALA B 226 16.15 -30.41 9.45
C ALA B 226 15.30 -29.55 10.40
N HIS B 227 14.25 -28.90 9.91
CA HIS B 227 13.35 -28.03 10.71
C HIS B 227 12.06 -28.78 11.05
N GLY B 228 12.01 -30.08 10.80
CA GLY B 228 10.82 -30.90 11.04
C GLY B 228 9.65 -30.51 10.17
N ARG B 229 9.91 -30.04 8.94
CA ARG B 229 8.86 -29.47 8.06
C ARG B 229 8.86 -30.25 6.74
N THR B 230 7.76 -30.18 6.01
CA THR B 230 7.72 -30.51 4.57
C THR B 230 7.31 -29.26 3.81
N LEU B 231 7.58 -29.23 2.51
CA LEU B 231 7.12 -28.13 1.64
C LEU B 231 6.12 -28.68 0.63
N ASP B 232 5.39 -27.77 -0.01
CA ASP B 232 4.81 -28.01 -1.35
C ASP B 232 5.75 -27.29 -2.32
N TYR B 233 5.56 -27.55 -3.62
CA TYR B 233 6.49 -27.19 -4.71
C TYR B 233 5.71 -26.49 -5.82
N GLY B 234 6.30 -25.42 -6.32
CA GLY B 234 5.75 -24.66 -7.46
C GLY B 234 6.75 -24.62 -8.60
N LEU B 235 6.23 -24.52 -9.80
CA LEU B 235 7.04 -24.25 -11.01
C LEU B 235 6.67 -22.91 -11.61
N ARG B 236 7.68 -22.06 -11.79
CA ARG B 236 7.56 -20.79 -12.52
C ARG B 236 8.06 -21.02 -13.93
N VAL B 237 7.23 -20.82 -14.95
CA VAL B 237 7.65 -21.11 -16.35
C VAL B 237 6.74 -20.32 -17.31
N HIS B 238 7.31 -19.85 -18.41
CA HIS B 238 6.54 -19.25 -19.51
C HIS B 238 5.78 -20.36 -20.24
N MET B 239 4.84 -19.96 -21.08
CA MET B 239 3.84 -20.85 -21.70
C MET B 239 3.65 -20.43 -23.15
N ILE B 240 3.70 -21.41 -24.04
CA ILE B 240 3.19 -21.25 -25.42
C ILE B 240 2.42 -22.53 -25.74
N VAL B 241 1.11 -22.46 -25.71
CA VAL B 241 0.24 -23.64 -25.96
C VAL B 241 -0.66 -23.32 -27.17
N ARG B 242 -0.68 -24.23 -28.14
CA ARG B 242 -1.45 -24.08 -29.41
C ARG B 242 -2.11 -25.42 -29.76
N ASP B 243 -3.07 -25.39 -30.68
CA ASP B 243 -3.76 -26.61 -31.17
C ASP B 243 -2.74 -27.64 -31.67
N THR B 244 -1.68 -27.19 -32.34
CA THR B 244 -0.62 -28.09 -32.89
C THR B 244 0.72 -27.67 -32.30
N GLU B 245 1.65 -28.63 -32.19
CA GLU B 245 3.01 -28.34 -31.71
C GLU B 245 3.67 -27.35 -32.66
N LYS B 246 3.44 -27.52 -33.97
CA LYS B 246 4.16 -26.67 -34.93
C LYS B 246 3.78 -25.19 -34.69
N GLU B 247 2.49 -24.89 -34.53
CA GLU B 247 2.02 -23.50 -34.26
C GLU B 247 2.73 -22.92 -33.05
N ALA B 248 2.88 -23.71 -32.00
CA ALA B 248 3.54 -23.29 -30.74
C ALA B 248 5.03 -23.03 -30.99
N ARG B 249 5.72 -23.97 -31.65
CA ARG B 249 7.18 -23.82 -31.90
C ARG B 249 7.40 -22.64 -32.82
N ASP B 250 6.52 -22.42 -33.80
CA ASP B 250 6.60 -21.25 -34.72
C ASP B 250 6.40 -19.97 -33.91
N TYR B 251 5.49 -19.97 -32.95
CA TYR B 251 5.25 -18.75 -32.14
C TYR B 251 6.50 -18.41 -31.33
N ALA B 252 7.21 -19.40 -30.82
CA ALA B 252 8.43 -19.17 -30.02
C ALA B 252 9.44 -18.43 -30.91
N GLU B 253 9.65 -18.89 -32.13
CA GLU B 253 10.58 -18.26 -33.10
C GLU B 253 10.10 -16.81 -33.35
N HIS B 254 8.80 -16.62 -33.52
CA HIS B 254 8.18 -15.28 -33.72
C HIS B 254 8.55 -14.35 -32.54
N LEU B 255 8.47 -14.84 -31.31
CA LEU B 255 8.70 -13.99 -30.10
C LEU B 255 10.13 -13.48 -30.06
N VAL B 256 11.11 -14.25 -30.54
CA VAL B 256 12.53 -13.82 -30.47
C VAL B 256 12.97 -13.25 -31.83
N SER B 257 12.06 -13.09 -32.78
CA SER B 257 12.44 -12.75 -34.19
C SER B 257 12.98 -11.32 -34.31
N LYS B 258 12.84 -10.43 -33.31
CA LYS B 258 13.32 -9.03 -33.42
C LYS B 258 14.42 -8.77 -32.40
N LEU B 259 14.99 -9.80 -31.77
CA LEU B 259 15.93 -9.60 -30.64
C LEU B 259 17.28 -9.02 -31.06
N ASP B 260 17.64 -9.03 -32.34
CA ASP B 260 18.87 -8.34 -32.86
C ASP B 260 20.04 -8.58 -31.88
N ASP B 261 20.35 -9.85 -31.60
CA ASP B 261 21.49 -10.23 -30.70
C ASP B 261 22.10 -11.57 -31.15
N GLU B 262 23.30 -11.85 -30.63
CA GLU B 262 24.08 -13.12 -30.83
C GLU B 262 23.34 -14.27 -30.13
N ALA B 289 21.35 -26.23 -25.06
CA ALA B 289 20.20 -26.20 -26.02
C ALA B 289 20.53 -26.92 -27.34
N ASP B 290 19.54 -27.55 -27.99
CA ASP B 290 19.64 -28.06 -29.39
C ASP B 290 19.62 -26.87 -30.38
N LYS B 291 19.73 -27.18 -31.70
CA LYS B 291 19.69 -26.20 -32.84
C LYS B 291 18.42 -25.33 -32.78
N PHE B 292 17.38 -25.77 -32.04
CA PHE B 292 16.08 -25.06 -31.92
C PHE B 292 15.90 -24.34 -30.56
N GLY B 293 16.88 -24.38 -29.63
CA GLY B 293 16.80 -23.69 -28.32
C GLY B 293 16.08 -24.51 -27.25
N TYR B 294 15.93 -25.82 -27.45
CA TYR B 294 15.22 -26.72 -26.53
C TYR B 294 16.26 -27.41 -25.64
N VAL B 295 16.06 -27.42 -24.30
CA VAL B 295 16.94 -28.14 -23.35
C VAL B 295 16.27 -29.44 -22.97
N GLU B 296 15.01 -29.59 -23.33
CA GLU B 296 14.19 -30.79 -23.04
C GLU B 296 13.10 -30.80 -24.09
N ARG B 297 12.39 -31.90 -24.24
CA ARG B 297 11.45 -32.12 -25.35
C ARG B 297 10.51 -30.93 -25.53
N HIS B 298 10.01 -30.35 -24.46
CA HIS B 298 9.00 -29.26 -24.56
C HIS B 298 9.45 -28.04 -23.77
N LEU B 299 10.72 -27.96 -23.43
CA LEU B 299 11.23 -26.85 -22.59
C LEU B 299 12.19 -26.03 -23.45
N TRP B 300 11.73 -24.85 -23.83
CA TRP B 300 12.37 -23.89 -24.76
C TRP B 300 13.08 -22.81 -23.97
N THR B 301 14.41 -22.73 -24.06
CA THR B 301 15.25 -21.72 -23.35
C THR B 301 15.58 -20.52 -24.23
N GLY B 302 15.07 -20.47 -25.45
CA GLY B 302 15.30 -19.33 -26.37
C GLY B 302 14.86 -18.01 -25.73
N ILE B 303 13.82 -18.07 -24.93
CA ILE B 303 13.26 -16.89 -24.22
C ILE B 303 14.29 -16.35 -23.21
N GLY B 304 15.23 -17.19 -22.78
CA GLY B 304 16.38 -16.80 -21.94
C GLY B 304 17.21 -15.67 -22.53
N ARG B 305 17.26 -15.58 -23.87
CA ARG B 305 18.02 -14.50 -24.57
C ARG B 305 17.44 -13.12 -24.21
N ALA B 306 16.15 -13.03 -23.89
CA ALA B 306 15.47 -11.76 -23.55
C ALA B 306 15.81 -11.29 -22.13
N ARG B 307 16.35 -12.13 -21.25
CA ARG B 307 16.65 -11.81 -19.82
C ARG B 307 15.40 -11.19 -19.14
N SER B 308 14.22 -11.77 -19.38
CA SER B 308 12.90 -11.46 -18.76
C SER B 308 12.87 -11.75 -17.24
N GLY B 309 13.75 -12.61 -16.71
CA GLY B 309 13.64 -13.12 -15.31
C GLY B 309 13.19 -14.58 -15.26
N CYS B 310 12.51 -15.08 -16.29
CA CYS B 310 12.14 -16.52 -16.40
C CYS B 310 12.65 -17.02 -17.75
N GLY B 311 13.64 -17.92 -17.70
CA GLY B 311 14.53 -18.28 -18.83
C GLY B 311 14.00 -19.39 -19.71
N ALA B 312 12.76 -19.88 -19.50
CA ALA B 312 12.23 -20.98 -20.36
C ALA B 312 10.71 -20.94 -20.43
N ALA B 313 10.20 -21.55 -21.49
CA ALA B 313 8.76 -21.78 -21.73
C ALA B 313 8.48 -23.26 -21.93
N LEU B 314 7.34 -23.73 -21.44
CA LEU B 314 6.71 -24.96 -21.95
C LEU B 314 6.11 -24.62 -23.29
N VAL B 315 6.45 -25.42 -24.30
CA VAL B 315 6.02 -25.12 -25.70
C VAL B 315 5.46 -26.40 -26.29
N GLY B 316 4.20 -26.38 -26.70
CA GLY B 316 3.64 -27.55 -27.38
C GLY B 316 2.18 -27.39 -27.65
N SER B 317 1.60 -28.48 -28.16
CA SER B 317 0.15 -28.63 -28.33
C SER B 317 -0.50 -28.63 -26.94
N THR B 318 -1.80 -28.41 -26.89
CA THR B 318 -2.62 -28.57 -25.67
C THR B 318 -2.28 -29.88 -24.94
N ASP B 319 -2.31 -31.02 -25.65
CA ASP B 319 -2.15 -32.34 -25.00
C ASP B 319 -0.71 -32.48 -24.50
N GLN B 320 0.27 -31.93 -25.20
CA GLN B 320 1.69 -32.01 -24.75
C GLN B 320 1.86 -31.21 -23.46
N VAL B 321 1.24 -30.02 -23.41
CA VAL B 321 1.33 -29.16 -22.20
C VAL B 321 0.62 -29.86 -21.04
N LEU B 322 -0.54 -30.48 -21.27
CA LEU B 322 -1.23 -31.25 -20.23
C LEU B 322 -0.33 -32.37 -19.71
N SER B 323 0.35 -33.09 -20.61
CA SER B 323 1.23 -34.22 -20.23
CA SER B 323 1.21 -34.22 -20.20
C SER B 323 2.42 -33.69 -19.40
N GLU B 324 2.95 -32.54 -19.76
CA GLU B 324 4.07 -31.94 -18.97
C GLU B 324 3.56 -31.59 -17.57
N ILE B 325 2.37 -31.00 -17.46
CA ILE B 325 1.80 -30.63 -16.14
C ILE B 325 1.65 -31.89 -15.29
N GLU B 326 1.13 -32.98 -15.88
CA GLU B 326 0.96 -34.28 -15.19
C GLU B 326 2.33 -34.77 -14.70
N ALA B 327 3.37 -34.62 -15.52
CA ALA B 327 4.72 -35.11 -15.17
C ALA B 327 5.25 -34.30 -13.98
N TYR B 328 5.09 -32.99 -13.99
CA TYR B 328 5.51 -32.15 -12.84
C TYR B 328 4.67 -32.49 -11.60
N LYS B 329 3.38 -32.75 -11.76
CA LYS B 329 2.54 -33.19 -10.62
C LYS B 329 3.05 -34.51 -10.04
N LYS B 330 3.45 -35.46 -10.88
CA LYS B 330 3.89 -36.79 -10.40
C LYS B 330 5.16 -36.57 -9.56
N MET B 331 6.00 -35.60 -9.93
CA MET B 331 7.23 -35.27 -9.15
C MET B 331 6.86 -34.70 -7.77
N GLY B 332 5.71 -34.04 -7.64
CA GLY B 332 5.26 -33.40 -6.40
C GLY B 332 4.95 -31.92 -6.54
N VAL B 333 4.96 -31.35 -7.74
CA VAL B 333 4.58 -29.93 -7.96
C VAL B 333 3.05 -29.79 -7.80
N ARG B 334 2.61 -28.81 -7.02
CA ARG B 334 1.15 -28.53 -6.83
C ARG B 334 0.77 -27.07 -7.13
N ALA B 335 1.74 -26.28 -7.57
CA ALA B 335 1.52 -24.87 -7.98
C ALA B 335 2.30 -24.59 -9.27
N PHE B 336 1.65 -23.93 -10.21
CA PHE B 336 2.23 -23.51 -11.49
C PHE B 336 1.94 -22.02 -11.67
N ILE B 337 3.01 -21.27 -11.86
CA ILE B 337 2.95 -19.82 -12.14
C ILE B 337 3.42 -19.62 -13.58
N PHE B 338 2.42 -19.48 -14.45
CA PHE B 338 2.61 -19.36 -15.91
C PHE B 338 2.55 -17.90 -16.32
N SER B 339 3.14 -17.65 -17.47
CA SER B 339 3.17 -16.33 -18.14
C SER B 339 3.38 -16.59 -19.62
N GLY B 340 3.20 -15.56 -20.42
CA GLY B 340 3.40 -15.63 -21.87
C GLY B 340 3.27 -14.27 -22.49
N TYR B 341 3.39 -14.21 -23.81
CA TYR B 341 3.59 -12.94 -24.54
C TYR B 341 2.66 -12.92 -25.74
N PRO B 342 1.84 -11.85 -25.90
CA PRO B 342 1.53 -10.89 -24.82
C PRO B 342 0.84 -11.60 -23.66
N HIS B 343 0.92 -11.00 -22.47
CA HIS B 343 0.41 -11.65 -21.23
C HIS B 343 -1.11 -11.91 -21.35
N LEU B 344 -1.89 -11.02 -21.96
CA LEU B 344 -3.35 -11.24 -22.02
C LEU B 344 -3.63 -12.38 -23.02
N ASP B 345 -2.98 -12.33 -24.17
CA ASP B 345 -3.22 -13.22 -25.33
C ASP B 345 -2.81 -14.65 -24.89
N GLU B 346 -1.69 -14.82 -24.16
CA GLU B 346 -1.32 -16.22 -23.77
C GLU B 346 -2.23 -16.69 -22.62
N ALA B 347 -2.72 -15.80 -21.76
CA ALA B 347 -3.71 -16.16 -20.72
C ALA B 347 -4.94 -16.78 -21.40
N GLU B 348 -5.41 -16.17 -22.48
CA GLU B 348 -6.58 -16.68 -23.23
C GLU B 348 -6.29 -18.05 -23.85
N HIS B 349 -5.15 -18.21 -24.48
CA HIS B 349 -4.75 -19.51 -25.10
C HIS B 349 -4.77 -20.60 -24.04
N PHE B 350 -4.02 -20.36 -22.95
CA PHE B 350 -3.87 -21.36 -21.89
C PHE B 350 -5.22 -21.51 -21.21
N GLY B 351 -5.86 -20.39 -20.92
CA GLY B 351 -7.13 -20.37 -20.16
C GLY B 351 -8.25 -21.08 -20.92
N LYS B 352 -8.28 -21.00 -22.25
CA LYS B 352 -9.34 -21.64 -23.07
C LYS B 352 -8.94 -23.08 -23.46
N LYS B 353 -7.67 -23.37 -23.72
CA LYS B 353 -7.25 -24.70 -24.25
C LYS B 353 -6.97 -25.67 -23.12
N VAL B 354 -6.20 -25.24 -22.11
CA VAL B 354 -5.65 -26.15 -21.07
C VAL B 354 -6.47 -26.06 -19.78
N LEU B 355 -6.73 -24.86 -19.28
CA LEU B 355 -7.28 -24.69 -17.92
C LEU B 355 -8.59 -25.41 -17.70
N PRO B 356 -9.58 -25.43 -18.63
CA PRO B 356 -10.82 -26.20 -18.41
C PRO B 356 -10.56 -27.71 -18.21
N GLN B 357 -9.44 -28.24 -18.71
CA GLN B 357 -9.06 -29.69 -18.66
C GLN B 357 -8.30 -30.02 -17.36
N LEU B 358 -8.05 -29.03 -16.50
CA LEU B 358 -7.22 -29.24 -15.29
C LEU B 358 -8.11 -29.18 -14.05
N LYS B 359 -7.82 -30.03 -13.07
CA LYS B 359 -8.34 -29.90 -11.69
C LYS B 359 -7.50 -28.82 -10.99
N THR B 360 -8.11 -27.74 -10.57
CA THR B 360 -7.38 -26.65 -9.88
C THR B 360 -7.89 -26.51 -8.45
N CYS B 361 -7.06 -25.87 -7.63
CA CYS B 361 -7.39 -25.57 -6.23
C CYS B 361 -6.79 -24.21 -5.87
N SER B 362 -7.17 -23.76 -4.68
CA SER B 362 -6.61 -22.60 -3.98
C SER B 362 -5.83 -23.15 -2.80
N LEU B 363 -4.50 -22.96 -2.76
CA LEU B 363 -3.73 -23.56 -1.67
C LEU B 363 -4.12 -22.98 -0.32
N PRO B 364 -4.40 -21.67 -0.19
CA PRO B 364 -4.88 -21.16 1.10
C PRO B 364 -6.05 -21.99 1.64
N HIS B 365 -6.97 -22.35 0.77
CA HIS B 365 -8.18 -23.15 1.11
C HIS B 365 -7.78 -24.60 1.44
N ILE B 366 -6.94 -25.25 0.61
CA ILE B 366 -6.44 -26.63 0.85
C ILE B 366 -5.77 -26.65 2.22
N TYR B 367 -4.99 -25.63 2.55
CA TYR B 367 -4.24 -25.58 3.83
C TYR B 367 -5.13 -25.21 5.03
N GLY B 368 -6.41 -24.88 4.81
CA GLY B 368 -7.35 -24.49 5.87
C GLY B 368 -7.07 -23.12 6.44
N ARG B 369 -6.43 -22.22 5.69
CA ARG B 369 -6.08 -20.88 6.22
C ARG B 369 -7.25 -19.91 6.08
N VAL B 370 -8.19 -20.16 5.18
CA VAL B 370 -9.26 -19.20 4.85
C VAL B 370 -10.49 -19.62 5.64
N PRO B 371 -10.94 -18.86 6.64
CA PRO B 371 -12.13 -19.27 7.41
C PRO B 371 -13.36 -19.11 6.50
N ALA B 372 -14.33 -20.02 6.63
CA ALA B 372 -15.54 -20.07 5.80
C ALA B 372 -16.40 -18.83 6.12
N ASP B 373 -16.37 -18.38 7.38
CA ASP B 373 -17.13 -17.22 7.90
C ASP B 373 -16.13 -16.14 8.35
N THR B 374 -16.55 -14.89 8.35
CA THR B 374 -15.73 -13.74 8.85
C THR B 374 -15.17 -14.14 10.21
N PRO B 375 -13.84 -14.12 10.35
CA PRO B 375 -13.23 -14.47 11.63
C PRO B 375 -13.42 -13.33 12.65
N ALA B 376 -13.24 -13.68 13.92
CA ALA B 376 -13.38 -12.76 15.07
C ALA B 376 -12.07 -12.00 15.25
N THR B 377 -11.60 -11.37 14.19
CA THR B 377 -10.37 -10.54 14.20
C THR B 377 -10.77 -9.10 14.49
N PRO B 378 -9.82 -8.26 14.93
CA PRO B 378 -10.13 -6.84 15.13
C PRO B 378 -10.74 -6.14 13.92
N LEU B 379 -10.29 -6.49 12.71
CA LEU B 379 -10.85 -5.86 11.47
C LEU B 379 -12.08 -6.64 11.01
N GLY B 380 -12.27 -7.87 11.48
CA GLY B 380 -13.45 -8.69 11.13
C GLY B 380 -14.55 -8.55 12.17
N ALA B 381 -15.02 -9.66 12.71
CA ALA B 381 -16.17 -9.70 13.64
C ALA B 381 -15.70 -9.61 15.08
N GLY B 382 -14.42 -9.38 15.34
CA GLY B 382 -13.87 -9.30 16.72
C GLY B 382 -14.54 -8.17 17.51
N ARG B 383 -14.55 -8.32 18.83
CA ARG B 383 -15.10 -7.33 19.76
C ARG B 383 -14.03 -6.23 19.84
N ARG B 384 -14.44 -4.98 19.66
CA ARG B 384 -13.51 -3.85 19.83
C ARG B 384 -13.25 -3.62 21.32
N HIS B 385 -11.99 -3.45 21.70
CA HIS B 385 -11.52 -3.01 23.03
C HIS B 385 -10.85 -1.63 22.87
#